data_8B35
#
_entry.id   8B35
#
_cell.length_a   73.908
_cell.length_b   95.981
_cell.length_c   138.338
_cell.angle_alpha   90.000
_cell.angle_beta   90.000
_cell.angle_gamma   90.000
#
_symmetry.space_group_name_H-M   'P 21 21 21'
#
loop_
_entity.id
_entity.type
_entity.pdbx_description
1 polymer 'Chalcone synthase 2'
2 non-polymer NARINGENIN
3 non-polymer 'COENZYME A'
4 water water
#
_entity_poly.entity_id   1
_entity_poly.type   'polypeptide(L)'
_entity_poly.pdbx_seq_one_letter_code
;MGSSHHHHHHSQDPNSSSMAAVRLKEVRMAQRAEGLATVLAIGTAVPANCVYQATYPDYYFRVTKSEHLADLKEKFQRMC
DKSMIRKRHMHLTEEILIKNPKICAHMETSLDARHAIALVEVPKLGQGAAEKAIKEWGQPLSKITHLVFCTTSGVDMPGA
DYQLTKLLGLSPTVKRLMMYQQGCFGGATVLRLAKDIAENNRGARVLVVCSEITAMAFRGPCKSHLDSLVGHALFGDGAA
AAIIGADPDQLDEQPVFQLVSASQTILPESEGAIDGHLTEAGLTIHLLKDVPGLISENIEQALEDAFEPLGIHNWNSIFW
IAHPGGPAILDRVEDRVGLDKKRMRASREVLSEYGNMSSASVLFVLDVMRKSSAKDGLATTGEGKDWGVLFGFGPGLTVE
TLVLHSVPVPVPTAASA
;
_entity_poly.pdbx_strand_id   A,B
#
loop_
_chem_comp.id
_chem_comp.type
_chem_comp.name
_chem_comp.formula
COA non-polymer 'COENZYME A' 'C21 H36 N7 O16 P3 S'
NAR non-polymer NARINGENIN 'C15 H12 O5'
#
# COMPACT_ATOMS: atom_id res chain seq x y z
N MET A 29 -19.80 10.69 -16.70
CA MET A 29 -20.22 9.69 -17.76
C MET A 29 -19.29 9.78 -18.99
N ALA A 30 -18.88 10.98 -19.39
CA ALA A 30 -17.92 11.21 -20.50
C ALA A 30 -16.49 11.29 -19.95
N GLN A 31 -16.32 11.38 -18.63
CA GLN A 31 -15.03 11.37 -17.91
C GLN A 31 -14.53 9.95 -17.65
N ARG A 32 -15.36 8.95 -17.92
CA ARG A 32 -15.04 7.52 -17.65
C ARG A 32 -14.69 6.86 -18.97
N ALA A 33 -13.99 5.75 -18.93
CA ALA A 33 -13.69 4.94 -20.14
C ALA A 33 -14.92 4.09 -20.48
N GLU A 34 -14.97 3.52 -21.69
CA GLU A 34 -16.11 2.70 -22.17
C GLU A 34 -15.81 1.22 -21.99
N GLY A 35 -14.63 0.74 -22.42
CA GLY A 35 -14.41 -0.70 -22.50
C GLY A 35 -13.65 -1.23 -21.29
N LEU A 36 -13.10 -2.43 -21.42
CA LEU A 36 -12.42 -3.16 -20.35
C LEU A 36 -10.97 -2.69 -20.27
N ALA A 37 -10.45 -2.65 -19.05
CA ALA A 37 -9.02 -2.46 -18.81
C ALA A 37 -8.28 -3.57 -19.58
N THR A 38 -7.23 -3.19 -20.29
CA THR A 38 -6.46 -4.08 -21.16
C THR A 38 -4.99 -3.94 -20.82
N VAL A 39 -4.27 -5.05 -20.83
CA VAL A 39 -2.79 -5.09 -20.74
C VAL A 39 -2.29 -4.75 -22.14
N LEU A 40 -1.50 -3.69 -22.29
CA LEU A 40 -1.01 -3.18 -23.59
C LEU A 40 0.47 -3.47 -23.78
N ALA A 41 1.16 -3.89 -22.72
CA ALA A 41 2.60 -4.18 -22.80
C ALA A 41 3.02 -4.81 -21.49
N ILE A 42 4.00 -5.71 -21.54
CA ILE A 42 4.62 -6.35 -20.35
C ILE A 42 6.12 -6.34 -20.53
N GLY A 43 6.85 -5.90 -19.51
CA GLY A 43 8.32 -5.96 -19.50
C GLY A 43 8.81 -6.56 -18.20
N THR A 44 9.98 -7.19 -18.21
CA THR A 44 10.55 -7.88 -17.02
C THR A 44 12.03 -7.60 -16.91
N ALA A 45 12.57 -7.67 -15.70
CA ALA A 45 14.02 -7.49 -15.48
C ALA A 45 14.43 -8.33 -14.27
N VAL A 46 15.64 -8.84 -14.30
CA VAL A 46 16.20 -9.65 -13.20
C VAL A 46 17.62 -9.14 -12.98
N PRO A 47 18.15 -9.27 -11.76
CA PRO A 47 19.58 -9.06 -11.55
C PRO A 47 20.38 -9.97 -12.50
N ALA A 48 21.54 -9.50 -12.97
CA ALA A 48 22.44 -10.26 -13.85
C ALA A 48 22.98 -11.49 -13.10
N ASN A 49 23.22 -11.40 -11.79
CA ASN A 49 23.82 -12.51 -11.00
C ASN A 49 22.83 -13.68 -11.01
N CYS A 50 23.26 -14.82 -11.55
CA CYS A 50 22.42 -16.02 -11.77
C CYS A 50 22.89 -17.11 -10.81
N VAL A 51 22.04 -17.65 -9.94
CA VAL A 51 22.44 -18.74 -9.01
C VAL A 51 21.74 -20.03 -9.46
N TYR A 52 22.53 -21.04 -9.82
CA TYR A 52 22.04 -22.36 -10.26
C TYR A 52 21.63 -23.17 -9.05
N GLN A 53 20.50 -23.85 -9.17
CA GLN A 53 19.93 -24.63 -8.06
C GLN A 53 20.77 -25.88 -7.76
N ALA A 54 21.37 -26.51 -8.77
CA ALA A 54 22.15 -27.76 -8.63
C ALA A 54 23.27 -27.57 -7.58
N THR A 55 23.93 -26.41 -7.56
CA THR A 55 25.09 -26.14 -6.68
C THR A 55 24.67 -25.28 -5.49
N TYR A 56 23.38 -24.96 -5.33
CA TYR A 56 22.99 -23.94 -4.33
C TYR A 56 23.14 -24.47 -2.90
N PRO A 57 22.76 -25.71 -2.53
CA PRO A 57 22.99 -26.10 -1.15
C PRO A 57 24.44 -25.92 -0.67
N ASP A 58 25.43 -26.29 -1.52
CA ASP A 58 26.85 -26.07 -1.21
C ASP A 58 27.14 -24.56 -1.04
N TYR A 59 26.71 -23.74 -2.00
CA TYR A 59 26.94 -22.28 -1.96
C TYR A 59 26.37 -21.69 -0.65
N TYR A 60 25.10 -22.02 -0.36
CA TYR A 60 24.35 -21.36 0.74
C TYR A 60 24.99 -21.72 2.07
N PHE A 61 25.29 -22.99 2.28
CA PHE A 61 25.89 -23.44 3.57
C PHE A 61 27.35 -22.92 3.67
N ARG A 62 28.07 -22.76 2.57
CA ARG A 62 29.47 -22.24 2.61
C ARG A 62 29.45 -20.75 2.94
N VAL A 63 28.68 -19.94 2.21
CA VAL A 63 28.74 -18.47 2.41
C VAL A 63 28.15 -18.07 3.77
N THR A 64 27.27 -18.87 4.36
CA THR A 64 26.73 -18.58 5.71
C THR A 64 27.57 -19.28 6.76
N LYS A 65 28.69 -19.90 6.38
CA LYS A 65 29.59 -20.57 7.33
C LYS A 65 28.79 -21.53 8.22
N SER A 66 28.00 -22.38 7.60
CA SER A 66 27.06 -23.30 8.25
C SER A 66 27.37 -24.75 7.91
N GLU A 67 28.55 -25.04 7.35
CA GLU A 67 28.84 -26.42 6.86
C GLU A 67 28.87 -27.43 8.00
N HIS A 68 29.07 -27.03 9.27
CA HIS A 68 28.97 -27.99 10.40
C HIS A 68 27.51 -28.42 10.63
N LEU A 69 26.53 -27.74 10.04
CA LEU A 69 25.11 -28.14 10.21
C LEU A 69 24.77 -29.16 9.11
N ALA A 70 25.42 -30.32 9.12
CA ALA A 70 25.40 -31.28 8.00
C ALA A 70 24.00 -31.89 7.84
N ASP A 71 23.28 -32.20 8.92
CA ASP A 71 21.90 -32.75 8.77
C ASP A 71 20.98 -31.69 8.14
N LEU A 72 21.06 -30.44 8.55
CA LEU A 72 20.28 -29.31 7.97
C LEU A 72 20.61 -29.18 6.49
N LYS A 73 21.90 -29.27 6.12
CA LYS A 73 22.31 -29.17 4.71
C LYS A 73 21.66 -30.28 3.90
N GLU A 74 21.61 -31.51 4.40
CA GLU A 74 20.96 -32.63 3.68
C GLU A 74 19.47 -32.34 3.53
N LYS A 75 18.79 -31.81 4.54
CA LYS A 75 17.36 -31.42 4.43
C LYS A 75 17.23 -30.36 3.31
N PHE A 76 18.12 -29.37 3.31
CA PHE A 76 18.11 -28.31 2.27
C PHE A 76 18.36 -28.92 0.88
N GLN A 77 19.31 -29.86 0.77
CA GLN A 77 19.55 -30.53 -0.52
C GLN A 77 18.24 -31.16 -1.05
N ARG A 78 17.50 -31.87 -0.22
CA ARG A 78 16.23 -32.52 -0.64
C ARG A 78 15.23 -31.45 -1.05
N MET A 79 15.12 -30.35 -0.31
CA MET A 79 14.22 -29.23 -0.72
C MET A 79 14.61 -28.68 -2.09
N CYS A 80 15.91 -28.45 -2.34
CA CYS A 80 16.34 -27.92 -3.65
C CYS A 80 16.10 -28.96 -4.75
N ASP A 81 16.32 -30.24 -4.48
CA ASP A 81 16.12 -31.31 -5.48
C ASP A 81 14.64 -31.38 -5.88
N LYS A 82 13.70 -31.10 -4.98
CA LYS A 82 12.26 -31.21 -5.26
C LYS A 82 11.69 -29.86 -5.75
N SER A 83 12.50 -28.80 -5.79
CA SER A 83 12.02 -27.41 -5.95
C SER A 83 11.47 -27.20 -7.38
N MET A 84 11.96 -27.97 -8.36
CA MET A 84 11.69 -27.79 -9.81
C MET A 84 12.14 -26.38 -10.23
N ILE A 85 13.18 -25.86 -9.58
CA ILE A 85 13.86 -24.61 -9.99
C ILE A 85 15.22 -24.99 -10.57
N ARG A 86 15.54 -24.44 -11.74
CA ARG A 86 16.86 -24.61 -12.40
C ARG A 86 17.82 -23.48 -11.97
N LYS A 87 17.32 -22.24 -11.94
CA LYS A 87 18.13 -21.06 -11.60
C LYS A 87 17.23 -19.95 -11.05
N ARG A 88 17.81 -19.07 -10.28
CA ARG A 88 17.22 -17.82 -9.79
C ARG A 88 18.21 -16.71 -10.04
N HIS A 89 17.72 -15.49 -10.08
CA HIS A 89 18.52 -14.27 -10.19
C HIS A 89 18.53 -13.63 -8.81
N MET A 90 19.68 -13.23 -8.32
CA MET A 90 19.81 -12.68 -6.95
C MET A 90 20.77 -11.51 -6.98
N HIS A 91 20.32 -10.35 -6.54
CA HIS A 91 21.17 -9.16 -6.41
C HIS A 91 22.30 -9.48 -5.43
N LEU A 92 21.98 -10.14 -4.34
CA LEU A 92 22.92 -10.51 -3.24
C LEU A 92 24.00 -11.46 -3.82
N THR A 93 25.26 -11.03 -3.76
CA THR A 93 26.44 -11.84 -4.14
C THR A 93 27.25 -12.19 -2.87
N GLU A 94 28.18 -13.12 -3.02
CA GLU A 94 29.13 -13.49 -1.94
C GLU A 94 29.91 -12.23 -1.55
N GLU A 95 30.25 -11.35 -2.50
CA GLU A 95 31.00 -10.11 -2.17
C GLU A 95 30.19 -9.24 -1.20
N ILE A 96 28.90 -9.07 -1.47
CA ILE A 96 28.00 -8.30 -0.56
C ILE A 96 27.88 -9.04 0.78
N LEU A 97 27.73 -10.35 0.77
CA LEU A 97 27.56 -11.11 2.03
C LEU A 97 28.82 -11.01 2.89
N ILE A 98 30.01 -11.02 2.29
CA ILE A 98 31.29 -10.86 3.04
C ILE A 98 31.30 -9.49 3.72
N LYS A 99 30.90 -8.41 3.05
CA LYS A 99 30.80 -7.09 3.69
C LYS A 99 29.63 -6.98 4.70
N ASN A 100 28.76 -7.99 4.83
CA ASN A 100 27.54 -7.91 5.70
C ASN A 100 27.35 -9.22 6.42
N PRO A 101 28.31 -9.61 7.30
CA PRO A 101 28.23 -10.90 7.99
C PRO A 101 26.95 -11.07 8.82
N LYS A 102 26.38 -9.97 9.32
CA LYS A 102 25.16 -10.06 10.15
C LYS A 102 23.96 -10.47 9.28
N ILE A 103 24.01 -10.24 7.97
CA ILE A 103 22.99 -10.78 7.03
C ILE A 103 23.12 -12.32 6.97
N CYS A 104 24.33 -12.88 7.10
CA CYS A 104 24.57 -14.35 7.07
C CYS A 104 24.09 -15.04 8.33
N ALA A 105 23.95 -14.34 9.46
CA ALA A 105 23.49 -14.97 10.73
C ALA A 105 22.01 -15.28 10.50
N HIS A 106 21.43 -16.12 11.32
CA HIS A 106 20.00 -16.43 11.17
C HIS A 106 19.17 -15.19 11.52
N MET A 107 19.47 -14.48 12.61
CA MET A 107 18.52 -13.52 13.19
C MET A 107 19.26 -12.37 13.86
N GLU A 108 20.35 -11.89 13.29
CA GLU A 108 21.05 -10.73 13.86
C GLU A 108 20.45 -9.40 13.39
N THR A 109 20.70 -8.36 14.16
CA THR A 109 20.30 -6.96 13.86
C THR A 109 20.91 -6.58 12.51
N SER A 110 20.08 -6.32 11.51
CA SER A 110 20.59 -6.20 10.13
C SER A 110 19.63 -5.43 9.23
N LEU A 111 18.45 -5.03 9.71
CA LEU A 111 17.46 -4.30 8.86
C LEU A 111 18.11 -3.11 8.13
N ASP A 112 18.90 -2.29 8.82
CA ASP A 112 19.52 -1.07 8.21
C ASP A 112 20.42 -1.48 7.05
N ALA A 113 21.27 -2.50 7.20
CA ALA A 113 22.14 -2.97 6.11
C ALA A 113 21.26 -3.50 4.95
N ARG A 114 20.18 -4.20 5.25
CA ARG A 114 19.30 -4.77 4.21
C ARG A 114 18.59 -3.64 3.44
N HIS A 115 18.04 -2.66 4.14
CA HIS A 115 17.34 -1.49 3.55
C HIS A 115 18.32 -0.73 2.68
N ALA A 116 19.60 -0.60 3.09
CA ALA A 116 20.57 0.22 2.31
C ALA A 116 20.72 -0.38 0.91
N ILE A 117 20.54 -1.68 0.77
CA ILE A 117 20.55 -2.38 -0.54
C ILE A 117 19.16 -2.26 -1.19
N ALA A 118 18.12 -2.74 -0.52
CA ALA A 118 16.79 -2.93 -1.13
C ALA A 118 16.16 -1.57 -1.50
N LEU A 119 16.32 -0.53 -0.71
CA LEU A 119 15.63 0.73 -1.00
C LEU A 119 16.21 1.35 -2.28
N VAL A 120 17.43 0.99 -2.67
CA VAL A 120 18.04 1.45 -3.94
C VAL A 120 17.67 0.46 -5.06
N GLU A 121 17.81 -0.84 -4.82
CA GLU A 121 17.76 -1.85 -5.91
C GLU A 121 16.32 -2.10 -6.31
N VAL A 122 15.35 -1.99 -5.40
CA VAL A 122 13.95 -2.28 -5.78
C VAL A 122 13.50 -1.32 -6.90
N PRO A 123 13.57 0.01 -6.73
CA PRO A 123 13.14 0.93 -7.80
C PRO A 123 14.03 0.81 -9.05
N LYS A 124 15.32 0.53 -8.90
CA LYS A 124 16.24 0.38 -10.06
C LYS A 124 15.86 -0.86 -10.91
N LEU A 125 15.54 -1.98 -10.28
CA LEU A 125 15.10 -3.18 -11.03
C LEU A 125 13.74 -2.87 -11.65
N GLY A 126 12.86 -2.17 -10.93
CA GLY A 126 11.53 -1.77 -11.42
C GLY A 126 11.69 -0.88 -12.67
N GLN A 127 12.66 0.02 -12.62
CA GLN A 127 13.04 0.86 -13.78
C GLN A 127 13.38 -0.03 -14.99
N GLY A 128 14.20 -1.07 -14.82
CA GLY A 128 14.56 -2.01 -15.89
C GLY A 128 13.29 -2.59 -16.53
N ALA A 129 12.34 -3.05 -15.74
CA ALA A 129 11.12 -3.72 -16.26
C ALA A 129 10.27 -2.64 -16.92
N ALA A 130 10.11 -1.48 -16.27
CA ALA A 130 9.21 -0.43 -16.77
C ALA A 130 9.72 0.06 -18.13
N GLU A 131 11.03 0.26 -18.29
CA GLU A 131 11.60 0.73 -19.58
C GLU A 131 11.26 -0.25 -20.69
N LYS A 132 11.28 -1.56 -20.41
CA LYS A 132 10.97 -2.57 -21.45
C LYS A 132 9.48 -2.53 -21.82
N ALA A 133 8.60 -2.39 -20.84
CA ALA A 133 7.15 -2.28 -21.11
C ALA A 133 6.88 -0.98 -21.89
N ILE A 134 7.47 0.12 -21.48
CA ILE A 134 7.23 1.42 -22.15
C ILE A 134 7.72 1.35 -23.62
N LYS A 135 8.82 0.70 -23.86
CA LYS A 135 9.40 0.52 -25.22
C LYS A 135 8.43 -0.32 -26.05
N GLU A 136 7.90 -1.42 -25.51
CA GLU A 136 6.92 -2.24 -26.25
C GLU A 136 5.73 -1.36 -26.56
N TRP A 137 5.21 -0.62 -25.57
CA TRP A 137 3.95 0.15 -25.70
C TRP A 137 4.13 1.25 -26.78
N GLY A 138 5.23 1.97 -26.74
CA GLY A 138 5.69 2.88 -27.82
C GLY A 138 5.10 4.26 -27.69
N GLN A 139 4.37 4.56 -26.63
CA GLN A 139 3.80 5.91 -26.43
C GLN A 139 4.74 6.76 -25.57
N PRO A 140 4.62 8.10 -25.65
CA PRO A 140 5.44 8.98 -24.84
C PRO A 140 5.17 8.81 -23.33
N LEU A 141 6.18 9.06 -22.50
CA LEU A 141 6.11 8.98 -21.01
C LEU A 141 4.99 9.88 -20.52
N SER A 142 4.76 11.00 -21.21
CA SER A 142 3.76 12.00 -20.78
C SER A 142 2.36 11.35 -20.82
N LYS A 143 2.12 10.26 -21.53
CA LYS A 143 0.76 9.64 -21.57
C LYS A 143 0.51 8.73 -20.34
N ILE A 144 1.52 8.48 -19.53
CA ILE A 144 1.30 7.68 -18.29
C ILE A 144 0.66 8.59 -17.24
N THR A 145 -0.57 8.30 -16.86
CA THR A 145 -1.34 9.15 -15.91
C THR A 145 -1.26 8.60 -14.47
N HIS A 146 -0.97 7.32 -14.30
CA HIS A 146 -0.99 6.62 -12.98
C HIS A 146 0.18 5.64 -12.89
N LEU A 147 0.70 5.48 -11.67
CA LEU A 147 1.74 4.48 -11.36
C LEU A 147 1.27 3.69 -10.12
N VAL A 148 1.26 2.38 -10.22
CA VAL A 148 1.09 1.47 -9.06
C VAL A 148 2.39 0.70 -8.87
N PHE A 149 3.04 0.90 -7.74
CA PHE A 149 4.30 0.20 -7.41
C PHE A 149 4.01 -0.74 -6.24
N CYS A 150 4.40 -1.98 -6.40
CA CYS A 150 4.15 -3.09 -5.46
C CYS A 150 5.47 -3.75 -5.10
N THR A 151 5.69 -3.96 -3.81
CA THR A 151 6.88 -4.72 -3.36
C THR A 151 6.59 -5.36 -2.01
N THR A 152 7.42 -6.33 -1.69
CA THR A 152 7.45 -7.00 -0.39
C THR A 152 8.84 -6.75 0.23
N SER A 153 9.69 -5.98 -0.43
CA SER A 153 11.16 -5.88 -0.18
C SER A 153 11.52 -4.51 0.39
N GLY A 154 11.25 -4.26 1.67
CA GLY A 154 11.60 -2.98 2.33
C GLY A 154 10.53 -1.91 2.18
N VAL A 155 10.61 -0.89 3.01
CA VAL A 155 9.64 0.23 3.01
C VAL A 155 10.41 1.51 3.24
N ASP A 156 9.92 2.60 2.68
CA ASP A 156 10.57 3.92 2.87
C ASP A 156 9.56 5.01 2.58
N MET A 157 9.84 6.24 3.05
CA MET A 157 9.03 7.42 2.68
C MET A 157 9.97 8.55 2.28
N PRO A 158 9.85 9.15 1.08
CA PRO A 158 8.92 8.71 0.05
C PRO A 158 9.28 7.30 -0.48
N GLY A 159 8.29 6.67 -1.09
CA GLY A 159 8.33 5.26 -1.51
C GLY A 159 9.03 5.02 -2.83
N ALA A 160 9.13 3.74 -3.19
CA ALA A 160 9.61 3.28 -4.49
C ALA A 160 8.83 3.94 -5.64
N ASP A 161 7.55 4.26 -5.45
CA ASP A 161 6.71 4.93 -6.49
C ASP A 161 7.33 6.31 -6.85
N TYR A 162 7.69 7.07 -5.82
CA TYR A 162 8.38 8.37 -5.98
C TYR A 162 9.73 8.15 -6.66
N GLN A 163 10.50 7.17 -6.17
CA GLN A 163 11.87 6.94 -6.70
C GLN A 163 11.76 6.62 -8.19
N LEU A 164 10.81 5.76 -8.56
CA LEU A 164 10.68 5.34 -9.97
C LEU A 164 10.20 6.53 -10.82
N THR A 165 9.25 7.32 -10.32
CA THR A 165 8.76 8.56 -10.98
C THR A 165 9.99 9.42 -11.38
N LYS A 166 10.94 9.60 -10.48
CA LYS A 166 12.18 10.39 -10.73
C LYS A 166 13.09 9.64 -11.72
N LEU A 167 13.29 8.34 -11.54
CA LEU A 167 14.19 7.57 -12.43
C LEU A 167 13.67 7.59 -13.86
N LEU A 168 12.37 7.44 -14.08
CA LEU A 168 11.83 7.33 -15.46
C LEU A 168 11.62 8.71 -16.07
N GLY A 169 11.47 9.76 -15.26
CA GLY A 169 11.01 11.08 -15.73
C GLY A 169 9.51 11.11 -15.99
N LEU A 170 8.69 10.41 -15.20
CA LEU A 170 7.21 10.53 -15.36
C LEU A 170 6.84 11.97 -14.99
N SER A 171 5.70 12.41 -15.44
CA SER A 171 5.15 13.72 -15.02
C SER A 171 5.06 13.80 -13.50
N PRO A 172 5.37 14.98 -12.88
CA PRO A 172 5.19 15.16 -11.44
C PRO A 172 3.70 15.02 -11.02
N THR A 173 2.74 15.08 -11.96
CA THR A 173 1.29 14.96 -11.69
C THR A 173 0.79 13.51 -11.88
N VAL A 174 1.65 12.55 -12.16
CA VAL A 174 1.29 11.10 -12.17
C VAL A 174 0.62 10.77 -10.83
N LYS A 175 -0.53 10.07 -10.90
CA LYS A 175 -1.23 9.65 -9.69
C LYS A 175 -0.65 8.31 -9.23
N ARG A 176 -0.10 8.30 -8.02
CA ARG A 176 0.70 7.13 -7.52
C ARG A 176 -0.05 6.34 -6.43
N LEU A 177 0.11 5.03 -6.47
CA LEU A 177 -0.29 4.14 -5.36
C LEU A 177 0.92 3.30 -5.02
N MET A 178 1.36 3.41 -3.78
CA MET A 178 2.54 2.68 -3.26
C MET A 178 2.02 1.49 -2.42
N MET A 179 2.20 0.30 -2.94
CA MET A 179 1.70 -0.95 -2.34
C MET A 179 2.91 -1.65 -1.69
N TYR A 180 3.05 -1.47 -0.38
CA TYR A 180 4.18 -1.99 0.42
C TYR A 180 3.77 -3.26 1.17
N GLN A 181 4.76 -4.14 1.36
CA GLN A 181 4.67 -5.34 2.23
C GLN A 181 3.46 -6.17 1.81
N GLN A 182 3.32 -6.38 0.50
CA GLN A 182 2.09 -6.95 -0.09
C GLN A 182 2.12 -8.48 -0.03
N GLY A 183 3.24 -9.09 -0.43
CA GLY A 183 3.37 -10.56 -0.55
C GLY A 183 3.01 -11.04 -1.93
N CYS A 184 2.82 -12.36 -2.09
CA CYS A 184 2.78 -12.99 -3.43
C CYS A 184 1.50 -12.67 -4.18
N PHE A 185 0.41 -12.18 -3.54
CA PHE A 185 -0.80 -11.89 -4.32
C PHE A 185 -0.73 -10.45 -4.87
N GLY A 186 0.32 -9.69 -4.57
CA GLY A 186 0.44 -8.28 -4.99
C GLY A 186 0.34 -8.11 -6.50
N GLY A 187 0.87 -9.03 -7.30
CA GLY A 187 0.76 -8.98 -8.78
C GLY A 187 -0.68 -8.99 -9.22
N ALA A 188 -1.51 -9.83 -8.61
CA ALA A 188 -2.96 -9.81 -8.86
C ALA A 188 -3.57 -8.49 -8.38
N THR A 189 -3.19 -8.04 -7.18
CA THR A 189 -3.75 -6.79 -6.61
C THR A 189 -3.46 -5.59 -7.52
N VAL A 190 -2.25 -5.46 -8.07
CA VAL A 190 -1.96 -4.27 -8.92
C VAL A 190 -2.85 -4.29 -10.19
N LEU A 191 -3.15 -5.47 -10.72
CA LEU A 191 -4.05 -5.58 -11.91
C LEU A 191 -5.49 -5.20 -11.50
N ARG A 192 -5.95 -5.60 -10.32
CA ARG A 192 -7.29 -5.24 -9.80
C ARG A 192 -7.36 -3.71 -9.62
N LEU A 193 -6.33 -3.10 -9.06
CA LEU A 193 -6.27 -1.62 -8.87
C LEU A 193 -6.26 -0.93 -10.24
N ALA A 194 -5.39 -1.39 -11.13
CA ALA A 194 -5.24 -0.77 -12.46
C ALA A 194 -6.57 -0.89 -13.25
N LYS A 195 -7.29 -1.99 -13.09
CA LYS A 195 -8.56 -2.23 -13.81
C LYS A 195 -9.54 -1.10 -13.44
N ASP A 196 -9.77 -0.87 -12.13
CA ASP A 196 -10.71 0.19 -11.69
C ASP A 196 -10.20 1.58 -12.14
N ILE A 197 -8.93 1.88 -12.00
CA ILE A 197 -8.39 3.20 -12.46
C ILE A 197 -8.63 3.37 -13.97
N ALA A 198 -8.25 2.39 -14.79
CA ALA A 198 -8.26 2.51 -16.25
C ALA A 198 -9.71 2.61 -16.72
N GLU A 199 -10.64 1.85 -16.13
CA GLU A 199 -12.05 1.87 -16.58
C GLU A 199 -12.75 3.15 -16.15
N ASN A 200 -12.37 3.70 -15.02
CA ASN A 200 -13.12 4.84 -14.44
C ASN A 200 -12.58 6.17 -14.95
N ASN A 201 -11.46 6.21 -15.69
CA ASN A 201 -10.82 7.49 -16.07
C ASN A 201 -10.50 7.45 -17.56
N ARG A 202 -11.23 8.22 -18.35
CA ARG A 202 -11.07 8.17 -19.82
C ARG A 202 -9.66 8.62 -20.14
N GLY A 203 -8.94 7.92 -21.00
CA GLY A 203 -7.55 8.30 -21.35
C GLY A 203 -6.52 7.79 -20.34
N ALA A 204 -6.91 7.28 -19.17
CA ALA A 204 -5.87 6.85 -18.17
C ALA A 204 -5.01 5.70 -18.74
N ARG A 205 -3.70 5.78 -18.50
CA ARG A 205 -2.73 4.74 -18.84
C ARG A 205 -1.92 4.51 -17.56
N VAL A 206 -2.09 3.32 -17.02
CA VAL A 206 -1.54 2.94 -15.70
C VAL A 206 -0.28 2.13 -15.94
N LEU A 207 0.83 2.61 -15.40
CA LEU A 207 2.05 1.79 -15.31
C LEU A 207 1.99 1.02 -13.98
N VAL A 208 1.99 -0.30 -14.05
CA VAL A 208 2.09 -1.16 -12.84
C VAL A 208 3.46 -1.80 -12.82
N VAL A 209 4.09 -1.81 -11.66
CA VAL A 209 5.47 -2.36 -11.48
C VAL A 209 5.48 -3.14 -10.16
N CYS A 210 5.90 -4.37 -10.24
CA CYS A 210 6.20 -5.22 -9.07
C CYS A 210 7.69 -5.47 -9.09
N SER A 211 8.36 -5.25 -7.97
CA SER A 211 9.82 -5.45 -7.90
C SER A 211 10.23 -6.03 -6.54
N GLU A 212 11.00 -7.11 -6.55
CA GLU A 212 11.31 -7.90 -5.35
C GLU A 212 12.82 -8.19 -5.31
N ILE A 213 13.43 -7.99 -4.15
CA ILE A 213 14.90 -8.18 -3.91
C ILE A 213 15.01 -8.98 -2.60
N THR A 214 15.54 -10.19 -2.67
CA THR A 214 15.59 -11.18 -1.55
C THR A 214 16.60 -10.75 -0.48
N ALA A 215 17.40 -9.72 -0.71
CA ALA A 215 18.33 -9.19 0.31
C ALA A 215 17.57 -8.83 1.59
N MET A 216 16.26 -8.54 1.53
CA MET A 216 15.47 -8.21 2.74
C MET A 216 15.27 -9.46 3.63
N ALA A 217 15.26 -10.66 3.07
CA ALA A 217 14.86 -11.93 3.71
C ALA A 217 16.06 -12.88 3.83
N PHE A 218 17.14 -12.71 3.06
CA PHE A 218 18.21 -13.74 3.02
C PHE A 218 18.84 -13.85 4.43
N ARG A 219 18.98 -15.06 4.94
CA ARG A 219 19.63 -15.27 6.26
C ARG A 219 20.25 -16.67 6.29
N GLY A 220 21.08 -16.91 7.29
CA GLY A 220 21.66 -18.23 7.54
C GLY A 220 20.60 -19.24 7.95
N PRO A 221 20.89 -20.53 7.76
CA PRO A 221 19.95 -21.59 8.09
C PRO A 221 19.92 -21.90 9.57
N CYS A 222 18.79 -22.42 10.05
CA CYS A 222 18.63 -22.76 11.47
C CYS A 222 17.61 -23.87 11.60
N LYS A 223 17.94 -24.88 12.40
CA LYS A 223 17.11 -26.08 12.65
C LYS A 223 15.75 -25.71 13.17
N SER A 224 15.60 -24.58 13.85
CA SER A 224 14.31 -24.19 14.47
C SER A 224 13.39 -23.54 13.47
N HIS A 225 13.87 -23.22 12.27
CA HIS A 225 13.08 -22.49 11.25
C HIS A 225 13.17 -23.17 9.91
N LEU A 226 12.58 -24.36 9.79
CA LEU A 226 12.66 -25.14 8.53
C LEU A 226 11.82 -24.46 7.44
N ASP A 227 10.84 -23.65 7.80
CA ASP A 227 10.02 -22.86 6.82
C ASP A 227 10.89 -21.80 6.16
N SER A 228 11.78 -21.15 6.90
CA SER A 228 12.79 -20.22 6.35
C SER A 228 13.68 -21.00 5.37
N LEU A 229 14.02 -22.25 5.67
CA LEU A 229 14.88 -23.08 4.78
C LEU A 229 14.15 -23.29 3.44
N VAL A 230 12.85 -23.56 3.48
CA VAL A 230 12.01 -23.71 2.24
C VAL A 230 12.09 -22.41 1.43
N GLY A 231 11.88 -21.27 2.05
CA GLY A 231 12.02 -19.94 1.42
C GLY A 231 13.35 -19.76 0.71
N HIS A 232 14.43 -20.25 1.29
CA HIS A 232 15.80 -20.11 0.71
C HIS A 232 15.99 -21.06 -0.48
N ALA A 233 15.20 -22.10 -0.59
CA ALA A 233 15.16 -22.99 -1.78
C ALA A 233 14.34 -22.34 -2.90
N LEU A 234 13.38 -21.47 -2.60
CA LEU A 234 12.38 -21.05 -3.60
C LEU A 234 12.52 -19.58 -4.05
N PHE A 235 12.79 -18.62 -3.15
CA PHE A 235 12.59 -17.18 -3.48
C PHE A 235 13.73 -16.64 -4.34
N GLY A 236 13.37 -15.90 -5.41
CA GLY A 236 14.31 -15.20 -6.28
C GLY A 236 13.96 -13.76 -6.46
N ASP A 237 14.79 -13.02 -7.20
CA ASP A 237 14.60 -11.57 -7.42
C ASP A 237 14.03 -11.38 -8.82
N GLY A 238 13.30 -10.30 -9.00
CA GLY A 238 12.76 -9.95 -10.32
C GLY A 238 11.84 -8.78 -10.22
N ALA A 239 11.64 -8.12 -11.37
CA ALA A 239 10.66 -7.05 -11.46
C ALA A 239 9.89 -7.25 -12.75
N ALA A 240 8.63 -6.88 -12.73
CA ALA A 240 7.78 -6.91 -13.95
C ALA A 240 6.94 -5.66 -13.98
N ALA A 241 6.60 -5.20 -15.18
CA ALA A 241 5.85 -3.95 -15.38
C ALA A 241 4.84 -4.23 -16.49
N ALA A 242 3.73 -3.53 -16.42
CA ALA A 242 2.72 -3.55 -17.48
C ALA A 242 2.16 -2.16 -17.63
N ILE A 243 1.71 -1.87 -18.85
CA ILE A 243 0.85 -0.71 -19.15
C ILE A 243 -0.58 -1.22 -19.29
N ILE A 244 -1.49 -0.63 -18.53
CA ILE A 244 -2.91 -1.01 -18.54
C ILE A 244 -3.73 0.19 -18.96
N GLY A 245 -4.65 -0.02 -19.89
CA GLY A 245 -5.57 1.05 -20.31
C GLY A 245 -6.83 0.48 -20.88
N ALA A 246 -7.91 1.23 -20.80
CA ALA A 246 -9.18 0.92 -21.47
C ALA A 246 -9.27 1.73 -22.79
N ASP A 247 -10.06 1.26 -23.75
CA ASP A 247 -10.25 1.93 -25.09
C ASP A 247 -8.89 2.10 -25.77
N PRO A 248 -8.17 1.00 -26.07
CA PRO A 248 -6.86 1.09 -26.70
C PRO A 248 -6.97 1.76 -28.07
N ASP A 249 -5.96 2.52 -28.47
CA ASP A 249 -5.90 3.07 -29.84
C ASP A 249 -5.76 1.88 -30.82
N GLN A 250 -6.66 1.81 -31.81
CA GLN A 250 -6.74 0.70 -32.79
C GLN A 250 -5.39 0.52 -33.54
N LEU A 251 -4.64 1.60 -33.79
CA LEU A 251 -3.42 1.59 -34.63
C LEU A 251 -2.14 1.66 -33.78
N ASP A 252 -2.13 2.45 -32.72
CA ASP A 252 -0.87 2.78 -31.99
C ASP A 252 -0.71 1.92 -30.73
N GLU A 253 -1.71 1.16 -30.30
CA GLU A 253 -1.57 0.30 -29.10
C GLU A 253 -1.96 -1.12 -29.48
N GLN A 254 -1.43 -2.11 -28.78
CA GLN A 254 -1.66 -3.54 -29.11
C GLN A 254 -2.08 -4.24 -27.82
N PRO A 255 -3.37 -4.55 -27.68
CA PRO A 255 -3.88 -5.35 -26.57
C PRO A 255 -3.15 -6.69 -26.47
N VAL A 256 -2.89 -7.16 -25.26
CA VAL A 256 -2.30 -8.49 -24.96
C VAL A 256 -3.31 -9.35 -24.20
N PHE A 257 -3.95 -8.78 -23.18
CA PHE A 257 -4.99 -9.49 -22.41
C PHE A 257 -6.01 -8.47 -21.94
N GLN A 258 -7.24 -8.88 -21.72
CA GLN A 258 -8.25 -8.03 -21.07
C GLN A 258 -8.45 -8.51 -19.63
N LEU A 259 -8.67 -7.55 -18.73
CA LEU A 259 -8.95 -7.81 -17.32
C LEU A 259 -10.48 -7.75 -17.15
N VAL A 260 -11.12 -8.89 -16.96
CA VAL A 260 -12.62 -9.01 -16.96
C VAL A 260 -13.18 -8.80 -15.56
N SER A 261 -12.63 -9.48 -14.57
CA SER A 261 -13.18 -9.40 -13.21
C SER A 261 -12.08 -9.72 -12.22
N ALA A 262 -12.19 -9.23 -10.99
CA ALA A 262 -11.20 -9.52 -9.94
C ALA A 262 -11.94 -9.78 -8.63
N SER A 263 -11.54 -10.83 -7.94
CA SER A 263 -12.14 -11.29 -6.67
C SER A 263 -10.99 -11.60 -5.70
N GLN A 264 -11.32 -11.65 -4.43
CA GLN A 264 -10.37 -11.93 -3.35
C GLN A 264 -11.13 -12.66 -2.28
N THR A 265 -10.47 -13.62 -1.63
CA THR A 265 -11.07 -14.34 -0.50
C THR A 265 -10.00 -14.78 0.49
N ILE A 266 -10.40 -14.88 1.75
CA ILE A 266 -9.60 -15.45 2.86
C ILE A 266 -10.07 -16.90 3.03
N LEU A 267 -9.16 -17.85 3.00
CA LEU A 267 -9.54 -19.29 3.05
C LEU A 267 -9.92 -19.66 4.47
N PRO A 268 -11.00 -20.48 4.62
CA PRO A 268 -11.40 -21.00 5.92
C PRO A 268 -10.28 -21.78 6.61
N GLU A 269 -10.16 -21.63 7.92
CA GLU A 269 -9.26 -22.44 8.79
C GLU A 269 -7.80 -22.27 8.33
N SER A 270 -7.43 -21.08 7.87
CA SER A 270 -6.07 -20.84 7.32
C SER A 270 -5.28 -19.85 8.15
N GLU A 271 -5.79 -19.47 9.32
CA GLU A 271 -5.17 -18.48 10.22
C GLU A 271 -3.70 -18.86 10.43
N GLY A 272 -2.78 -17.97 10.11
CA GLY A 272 -1.34 -18.17 10.38
C GLY A 272 -0.65 -19.08 9.39
N ALA A 273 -1.31 -19.52 8.31
CA ALA A 273 -0.64 -20.45 7.37
C ALA A 273 0.60 -19.76 6.77
N ILE A 274 0.52 -18.47 6.42
CA ILE A 274 1.68 -17.72 5.87
C ILE A 274 1.76 -16.37 6.57
N ASP A 275 2.77 -16.14 7.39
CA ASP A 275 3.01 -14.85 8.08
C ASP A 275 4.39 -14.35 7.62
N GLY A 276 4.54 -13.05 7.55
CA GLY A 276 5.80 -12.41 7.15
C GLY A 276 6.01 -11.21 8.04
N HIS A 277 7.12 -11.13 8.75
CA HIS A 277 7.34 -10.05 9.75
C HIS A 277 8.55 -9.24 9.29
N LEU A 278 8.44 -7.92 9.33
CA LEU A 278 9.58 -7.04 9.08
C LEU A 278 10.14 -6.63 10.45
N THR A 279 11.29 -7.18 10.77
CA THR A 279 11.92 -7.12 12.11
C THR A 279 13.26 -6.42 12.05
N GLU A 280 13.89 -6.30 13.20
CA GLU A 280 15.28 -5.83 13.33
C GLU A 280 16.26 -6.69 12.51
N ALA A 281 15.95 -7.97 12.27
CA ALA A 281 16.73 -8.94 11.48
C ALA A 281 16.21 -9.06 10.05
N GLY A 282 15.43 -8.11 9.58
CA GLY A 282 14.89 -8.17 8.22
C GLY A 282 13.57 -8.89 8.14
N LEU A 283 13.20 -9.30 6.94
CA LEU A 283 11.91 -9.95 6.66
C LEU A 283 12.01 -11.45 6.95
N THR A 284 11.17 -11.97 7.84
CA THR A 284 11.20 -13.39 8.21
C THR A 284 9.87 -14.03 7.78
N ILE A 285 9.89 -15.28 7.34
CA ILE A 285 8.66 -15.98 6.88
C ILE A 285 8.28 -17.03 7.92
N HIS A 286 7.00 -17.26 8.12
CA HIS A 286 6.44 -18.26 9.06
C HIS A 286 5.34 -19.03 8.33
N LEU A 287 5.47 -20.36 8.32
CA LEU A 287 4.48 -21.29 7.74
C LEU A 287 3.90 -22.20 8.85
N LEU A 288 2.58 -22.29 8.92
CA LEU A 288 1.83 -23.26 9.75
C LEU A 288 0.92 -24.05 8.80
N LYS A 289 0.21 -25.04 9.34
CA LYS A 289 -0.81 -25.80 8.55
C LYS A 289 -0.18 -26.31 7.24
N ASP A 290 -1.02 -26.54 6.22
CA ASP A 290 -0.65 -27.21 4.94
C ASP A 290 -1.03 -26.24 3.82
N VAL A 291 -0.11 -25.37 3.42
CA VAL A 291 -0.44 -24.31 2.45
C VAL A 291 -0.94 -24.92 1.13
N PRO A 292 -0.24 -25.89 0.49
CA PRO A 292 -0.71 -26.51 -0.74
C PRO A 292 -2.10 -27.15 -0.59
N GLY A 293 -2.34 -27.83 0.53
CA GLY A 293 -3.66 -28.45 0.78
C GLY A 293 -4.76 -27.41 0.98
N LEU A 294 -4.49 -26.34 1.73
CA LEU A 294 -5.49 -25.28 1.95
C LEU A 294 -5.85 -24.63 0.61
N ILE A 295 -4.86 -24.30 -0.22
CA ILE A 295 -5.15 -23.61 -1.51
C ILE A 295 -5.91 -24.59 -2.41
N SER A 296 -5.39 -25.81 -2.57
CA SER A 296 -5.96 -26.81 -3.51
C SER A 296 -7.40 -27.15 -3.07
N GLU A 297 -7.71 -27.17 -1.79
CA GLU A 297 -9.08 -27.59 -1.36
C GLU A 297 -10.07 -26.42 -1.51
N ASN A 298 -9.62 -25.21 -1.87
CA ASN A 298 -10.54 -24.04 -1.95
C ASN A 298 -10.58 -23.48 -3.37
N ILE A 299 -9.70 -23.94 -4.25
CA ILE A 299 -9.51 -23.30 -5.58
C ILE A 299 -10.74 -23.50 -6.46
N GLU A 300 -11.40 -24.66 -6.36
CA GLU A 300 -12.56 -24.96 -7.24
C GLU A 300 -13.69 -24.00 -6.92
N GLN A 301 -13.90 -23.69 -5.65
CA GLN A 301 -14.94 -22.71 -5.26
C GLN A 301 -14.60 -21.33 -5.84
N ALA A 302 -13.31 -20.96 -5.90
CA ALA A 302 -12.87 -19.65 -6.48
C ALA A 302 -13.17 -19.65 -7.97
N LEU A 303 -12.90 -20.77 -8.66
CA LEU A 303 -13.19 -20.92 -10.11
C LEU A 303 -14.68 -20.78 -10.36
N GLU A 304 -15.50 -21.49 -9.58
CA GLU A 304 -16.97 -21.43 -9.75
C GLU A 304 -17.48 -20.01 -9.52
N ASP A 305 -17.07 -19.35 -8.44
CA ASP A 305 -17.50 -17.96 -8.14
C ASP A 305 -17.13 -17.02 -9.30
N ALA A 306 -15.97 -17.21 -9.91
CA ALA A 306 -15.50 -16.33 -11.01
C ALA A 306 -16.17 -16.69 -12.35
N PHE A 307 -16.40 -17.95 -12.65
CA PHE A 307 -16.71 -18.41 -14.03
C PHE A 307 -18.19 -18.80 -14.22
N GLU A 308 -18.90 -19.14 -13.16
CA GLU A 308 -20.35 -19.48 -13.26
C GLU A 308 -21.10 -18.34 -13.96
N PRO A 309 -20.92 -17.04 -13.61
CA PRO A 309 -21.58 -15.95 -14.33
C PRO A 309 -21.33 -15.93 -15.83
N LEU A 310 -20.25 -16.53 -16.32
CA LEU A 310 -19.92 -16.58 -17.76
C LEU A 310 -20.31 -17.91 -18.37
N GLY A 311 -20.88 -18.84 -17.61
CA GLY A 311 -21.30 -20.16 -18.13
C GLY A 311 -20.11 -21.03 -18.46
N ILE A 312 -19.00 -20.88 -17.72
CA ILE A 312 -17.79 -21.71 -17.98
C ILE A 312 -17.61 -22.64 -16.80
N HIS A 313 -17.42 -23.95 -17.03
CA HIS A 313 -17.29 -24.95 -15.93
C HIS A 313 -16.19 -25.97 -16.24
N ASN A 314 -15.65 -26.03 -17.45
CA ASN A 314 -14.53 -26.96 -17.77
C ASN A 314 -13.21 -26.19 -17.59
N TRP A 315 -12.44 -26.54 -16.55
CA TRP A 315 -11.22 -25.80 -16.16
C TRP A 315 -10.10 -26.08 -17.13
N ASN A 316 -10.28 -27.07 -18.02
CA ASN A 316 -9.31 -27.30 -19.10
C ASN A 316 -9.67 -26.49 -20.34
N SER A 317 -10.75 -25.71 -20.34
CA SER A 317 -11.15 -24.89 -21.52
C SER A 317 -10.68 -23.46 -21.35
N ILE A 318 -9.96 -23.14 -20.26
CA ILE A 318 -9.39 -21.78 -19.99
C ILE A 318 -7.87 -21.86 -19.87
N PHE A 319 -7.15 -20.79 -20.15
CA PHE A 319 -5.71 -20.75 -19.89
C PHE A 319 -5.50 -20.36 -18.41
N TRP A 320 -4.36 -20.76 -17.85
CA TRP A 320 -4.05 -20.65 -16.41
C TRP A 320 -2.78 -19.80 -16.21
N ILE A 321 -2.89 -18.81 -15.35
CA ILE A 321 -1.73 -18.02 -14.85
C ILE A 321 -1.74 -18.21 -13.34
N ALA A 322 -1.08 -19.22 -12.84
CA ALA A 322 -1.03 -19.50 -11.40
C ALA A 322 0.28 -18.96 -10.83
N HIS A 323 0.19 -18.18 -9.74
CA HIS A 323 1.38 -17.76 -9.01
C HIS A 323 2.23 -19.00 -8.72
N PRO A 324 3.46 -19.08 -9.25
CA PRO A 324 4.30 -20.26 -9.01
C PRO A 324 4.96 -20.21 -7.63
N GLY A 325 4.16 -20.38 -6.59
CA GLY A 325 4.59 -20.27 -5.18
C GLY A 325 5.63 -21.33 -4.84
N GLY A 326 5.44 -22.51 -5.41
CA GLY A 326 6.37 -23.63 -5.32
C GLY A 326 5.76 -24.81 -6.04
N PRO A 327 6.50 -25.90 -6.21
CA PRO A 327 6.01 -26.98 -7.06
C PRO A 327 4.84 -27.71 -6.40
N ALA A 328 4.77 -27.74 -5.07
CA ALA A 328 3.70 -28.49 -4.36
C ALA A 328 2.37 -27.77 -4.55
N ILE A 329 2.34 -26.45 -4.52
CA ILE A 329 1.07 -25.71 -4.78
C ILE A 329 0.58 -26.01 -6.20
N LEU A 330 1.42 -25.93 -7.22
CA LEU A 330 1.02 -26.16 -8.62
C LEU A 330 0.57 -27.63 -8.77
N ASP A 331 1.29 -28.58 -8.16
CA ASP A 331 0.97 -30.05 -8.23
C ASP A 331 -0.40 -30.31 -7.58
N ARG A 332 -0.66 -29.75 -6.41
CA ARG A 332 -1.90 -30.05 -5.66
C ARG A 332 -3.10 -29.39 -6.34
N VAL A 333 -2.92 -28.18 -6.87
CA VAL A 333 -4.00 -27.49 -7.61
C VAL A 333 -4.31 -28.28 -8.88
N GLU A 334 -3.29 -28.66 -9.62
CA GLU A 334 -3.46 -29.43 -10.87
C GLU A 334 -4.22 -30.72 -10.54
N ASP A 335 -3.83 -31.41 -9.46
CA ASP A 335 -4.40 -32.71 -9.06
C ASP A 335 -5.86 -32.53 -8.65
N ARG A 336 -6.16 -31.57 -7.77
CA ARG A 336 -7.50 -31.42 -7.17
C ARG A 336 -8.50 -30.88 -8.22
N VAL A 337 -8.10 -29.95 -9.06
CA VAL A 337 -8.97 -29.33 -10.09
C VAL A 337 -9.08 -30.26 -11.31
N GLY A 338 -8.12 -31.16 -11.54
CA GLY A 338 -8.16 -32.11 -12.69
C GLY A 338 -7.63 -31.48 -13.96
N LEU A 339 -6.50 -30.79 -13.89
CA LEU A 339 -5.95 -30.09 -15.06
C LEU A 339 -5.08 -31.05 -15.84
N ASP A 340 -5.17 -30.98 -17.16
CA ASP A 340 -4.13 -31.47 -18.08
C ASP A 340 -2.81 -30.78 -17.70
N LYS A 341 -1.72 -31.52 -17.79
CA LYS A 341 -0.31 -31.06 -17.63
C LYS A 341 -0.02 -29.74 -18.37
N LYS A 342 -0.58 -29.50 -19.55
CA LYS A 342 -0.22 -28.24 -20.28
C LYS A 342 -0.73 -26.97 -19.57
N ARG A 343 -1.78 -27.01 -18.75
CA ARG A 343 -2.40 -25.78 -18.20
C ARG A 343 -1.34 -25.05 -17.35
N MET A 344 -0.55 -25.78 -16.54
CA MET A 344 0.41 -25.18 -15.59
C MET A 344 1.75 -24.93 -16.28
N ARG A 345 1.91 -25.19 -17.59
CA ARG A 345 3.24 -25.15 -18.25
C ARG A 345 3.91 -23.78 -18.10
N ALA A 346 3.23 -22.68 -18.39
CA ALA A 346 3.84 -21.34 -18.32
C ALA A 346 4.25 -21.06 -16.86
N SER A 347 3.40 -21.38 -15.88
CA SER A 347 3.70 -21.15 -14.43
C SER A 347 4.94 -21.93 -14.04
N ARG A 348 5.05 -23.18 -14.49
CA ARG A 348 6.20 -24.05 -14.18
C ARG A 348 7.48 -23.55 -14.87
N GLU A 349 7.38 -22.99 -16.06
CA GLU A 349 8.57 -22.43 -16.76
C GLU A 349 9.09 -21.21 -15.94
N VAL A 350 8.22 -20.33 -15.44
CA VAL A 350 8.66 -19.23 -14.54
C VAL A 350 9.32 -19.81 -13.28
N LEU A 351 8.71 -20.77 -12.64
CA LEU A 351 9.30 -21.41 -11.44
C LEU A 351 10.70 -21.95 -11.80
N SER A 352 10.82 -22.67 -12.90
CA SER A 352 12.10 -23.25 -13.36
C SER A 352 13.17 -22.17 -13.56
N GLU A 353 12.83 -21.08 -14.25
CA GLU A 353 13.83 -20.11 -14.74
C GLU A 353 14.06 -18.97 -13.73
N TYR A 354 13.17 -18.75 -12.76
CA TYR A 354 13.26 -17.54 -11.89
C TYR A 354 12.99 -17.85 -10.41
N GLY A 355 12.44 -19.02 -10.09
CA GLY A 355 11.93 -19.31 -8.75
C GLY A 355 10.67 -18.48 -8.48
N ASN A 356 10.36 -18.35 -7.20
CA ASN A 356 9.22 -17.56 -6.70
C ASN A 356 9.68 -16.11 -6.49
N MET A 357 9.23 -15.17 -7.32
CA MET A 357 9.62 -13.74 -7.21
C MET A 357 8.51 -12.93 -6.52
N SER A 358 7.80 -13.59 -5.61
CA SER A 358 6.70 -12.93 -4.84
C SER A 358 5.77 -12.19 -5.82
N SER A 359 5.48 -10.90 -5.61
CA SER A 359 4.40 -10.21 -6.35
C SER A 359 4.68 -10.14 -7.87
N ALA A 360 5.93 -10.18 -8.31
CA ALA A 360 6.28 -10.04 -9.76
C ALA A 360 5.92 -11.31 -10.56
N SER A 361 5.81 -12.47 -9.92
CA SER A 361 5.83 -13.75 -10.64
C SER A 361 4.68 -13.81 -11.66
N VAL A 362 3.45 -13.45 -11.29
CA VAL A 362 2.32 -13.69 -12.21
C VAL A 362 2.48 -12.86 -13.49
N LEU A 363 3.13 -11.70 -13.43
CA LEU A 363 3.36 -10.87 -14.63
C LEU A 363 4.40 -11.56 -15.52
N PHE A 364 5.41 -12.20 -14.94
CA PHE A 364 6.34 -13.07 -15.69
C PHE A 364 5.56 -14.18 -16.38
N VAL A 365 4.61 -14.84 -15.68
CA VAL A 365 3.83 -15.94 -16.27
C VAL A 365 3.02 -15.39 -17.43
N LEU A 366 2.40 -14.22 -17.28
CA LEU A 366 1.59 -13.60 -18.37
C LEU A 366 2.50 -13.41 -19.57
N ASP A 367 3.71 -12.92 -19.35
CA ASP A 367 4.67 -12.63 -20.43
C ASP A 367 5.06 -13.93 -21.15
N VAL A 368 5.37 -14.98 -20.40
CA VAL A 368 5.77 -16.30 -20.95
C VAL A 368 4.62 -16.87 -21.77
N MET A 369 3.40 -16.73 -21.26
CA MET A 369 2.16 -17.28 -21.86
C MET A 369 1.97 -16.65 -23.24
N ARG A 370 1.99 -15.32 -23.36
CA ARG A 370 1.75 -14.65 -24.66
C ARG A 370 2.94 -14.90 -25.64
N LYS A 371 4.18 -14.91 -25.15
CA LYS A 371 5.38 -15.14 -26.00
C LYS A 371 5.36 -16.56 -26.54
N SER A 372 5.12 -17.56 -25.70
CA SER A 372 5.15 -18.98 -26.10
C SER A 372 3.91 -19.28 -26.95
N SER A 373 2.77 -18.62 -26.70
CA SER A 373 1.55 -18.77 -27.53
C SER A 373 1.84 -18.32 -28.98
N ALA A 374 2.48 -17.16 -29.16
CA ALA A 374 2.82 -16.58 -30.49
C ALA A 374 3.88 -17.49 -31.16
N LYS A 375 4.90 -17.90 -30.41
CA LYS A 375 6.02 -18.76 -30.90
C LYS A 375 5.48 -20.09 -31.42
N ASP A 376 4.48 -20.68 -30.76
CA ASP A 376 3.90 -22.00 -31.11
C ASP A 376 2.81 -21.86 -32.17
N GLY A 377 2.59 -20.65 -32.68
CA GLY A 377 1.60 -20.37 -33.74
C GLY A 377 0.17 -20.59 -33.28
N LEU A 378 -0.17 -20.33 -32.01
CA LEU A 378 -1.56 -20.54 -31.53
C LEU A 378 -2.38 -19.29 -31.88
N ALA A 379 -3.71 -19.38 -31.84
CA ALA A 379 -4.60 -18.33 -32.41
C ALA A 379 -4.82 -17.19 -31.40
N THR A 380 -4.45 -17.33 -30.11
CA THR A 380 -4.67 -16.25 -29.11
C THR A 380 -3.44 -16.14 -28.17
N THR A 381 -3.37 -15.07 -27.40
CA THR A 381 -2.26 -14.83 -26.45
C THR A 381 -2.35 -15.81 -25.27
N GLY A 382 -3.50 -16.45 -25.10
CA GLY A 382 -3.75 -17.41 -24.01
C GLY A 382 -3.82 -18.83 -24.52
N GLU A 383 -2.74 -19.29 -25.17
CA GLU A 383 -2.58 -20.69 -25.61
C GLU A 383 -3.74 -21.09 -26.53
N GLY A 384 -4.27 -20.17 -27.32
CA GLY A 384 -5.39 -20.45 -28.24
C GLY A 384 -6.74 -20.45 -27.56
N LYS A 385 -6.81 -20.25 -26.24
CA LYS A 385 -8.12 -20.21 -25.55
C LYS A 385 -8.62 -18.77 -25.49
N ASP A 386 -9.91 -18.57 -25.26
CA ASP A 386 -10.51 -17.22 -25.16
C ASP A 386 -10.39 -16.69 -23.71
N TRP A 387 -10.76 -17.51 -22.75
CA TRP A 387 -10.89 -17.10 -21.32
C TRP A 387 -9.75 -17.72 -20.52
N GLY A 388 -9.34 -17.02 -19.48
CA GLY A 388 -8.23 -17.42 -18.62
C GLY A 388 -8.45 -17.01 -17.19
N VAL A 389 -7.65 -17.57 -16.30
CA VAL A 389 -7.75 -17.27 -14.86
C VAL A 389 -6.34 -16.95 -14.38
N LEU A 390 -6.23 -15.94 -13.52
CA LEU A 390 -4.94 -15.60 -12.89
C LEU A 390 -5.18 -15.71 -11.39
N PHE A 391 -4.32 -16.43 -10.71
CA PHE A 391 -4.42 -16.61 -9.24
C PHE A 391 -3.17 -16.06 -8.58
N GLY A 392 -3.35 -15.21 -7.59
CA GLY A 392 -2.33 -14.93 -6.57
C GLY A 392 -2.74 -15.54 -5.26
N PHE A 393 -1.74 -15.89 -4.48
CA PHE A 393 -1.86 -16.60 -3.19
C PHE A 393 -0.94 -15.87 -2.24
N GLY A 394 -1.32 -15.74 -1.01
CA GLY A 394 -0.43 -15.14 -0.01
C GLY A 394 -1.05 -15.15 1.38
N PRO A 395 -0.42 -14.39 2.29
CA PRO A 395 -0.82 -14.27 3.69
C PRO A 395 -2.32 -14.02 3.82
N GLY A 396 -2.96 -14.72 4.75
CA GLY A 396 -4.39 -14.59 5.08
C GLY A 396 -4.97 -15.88 5.64
N LEU A 397 -4.97 -17.00 4.89
CA LEU A 397 -4.43 -17.15 3.54
C LEU A 397 -5.37 -16.52 2.53
N THR A 398 -4.83 -15.68 1.63
CA THR A 398 -5.59 -14.91 0.64
C THR A 398 -5.43 -15.55 -0.72
N VAL A 399 -6.52 -15.76 -1.43
CA VAL A 399 -6.49 -16.12 -2.86
C VAL A 399 -7.15 -14.98 -3.62
N GLU A 400 -6.42 -14.43 -4.57
CA GLU A 400 -6.94 -13.40 -5.49
C GLU A 400 -7.20 -14.09 -6.81
N THR A 401 -8.38 -13.88 -7.39
CA THR A 401 -8.77 -14.56 -8.67
C THR A 401 -9.14 -13.49 -9.69
N LEU A 402 -8.45 -13.46 -10.82
CA LEU A 402 -8.83 -12.56 -11.92
C LEU A 402 -9.31 -13.42 -13.10
N VAL A 403 -10.39 -13.00 -13.74
CA VAL A 403 -10.78 -13.54 -15.08
C VAL A 403 -10.12 -12.68 -16.14
N LEU A 404 -9.47 -13.33 -17.09
CA LEU A 404 -8.79 -12.69 -18.23
C LEU A 404 -9.46 -13.13 -19.52
N HIS A 405 -9.34 -12.30 -20.54
CA HIS A 405 -9.68 -12.68 -21.93
C HIS A 405 -8.42 -12.50 -22.77
N SER A 406 -8.09 -13.48 -23.61
CA SER A 406 -6.99 -13.41 -24.58
C SER A 406 -7.34 -12.42 -25.70
N VAL A 407 -6.37 -12.15 -26.57
CA VAL A 407 -6.60 -11.41 -27.84
C VAL A 407 -6.06 -12.27 -28.99
N PRO A 408 -6.62 -12.16 -30.21
CA PRO A 408 -6.14 -12.92 -31.36
C PRO A 408 -4.68 -12.64 -31.70
N VAL A 409 -3.97 -13.68 -32.13
CA VAL A 409 -2.60 -13.56 -32.71
C VAL A 409 -2.71 -13.79 -34.23
N PRO A 410 -2.24 -12.81 -35.05
CA PRO A 410 -2.31 -12.89 -36.52
C PRO A 410 -1.86 -14.22 -37.15
N ALA B 30 -23.44 -1.62 -16.91
CA ALA B 30 -24.46 -2.04 -15.88
C ALA B 30 -23.79 -2.84 -14.75
N GLN B 31 -22.52 -3.25 -14.95
CA GLN B 31 -21.59 -3.72 -13.88
C GLN B 31 -20.89 -2.55 -13.17
N ARG B 32 -21.10 -1.33 -13.64
CA ARG B 32 -20.40 -0.12 -13.16
C ARG B 32 -21.47 0.71 -12.49
N ALA B 33 -21.09 1.62 -11.60
CA ALA B 33 -22.04 2.54 -10.97
C ALA B 33 -22.36 3.68 -11.94
N GLU B 34 -23.43 4.44 -11.72
CA GLU B 34 -23.84 5.59 -12.58
C GLU B 34 -23.30 6.90 -12.03
N GLY B 35 -23.39 7.16 -10.73
CA GLY B 35 -23.13 8.52 -10.21
C GLY B 35 -21.75 8.63 -9.58
N LEU B 36 -21.55 9.69 -8.79
CA LEU B 36 -20.29 10.04 -8.13
C LEU B 36 -20.15 9.25 -6.83
N ALA B 37 -18.92 8.87 -6.52
CA ALA B 37 -18.54 8.33 -5.21
C ALA B 37 -18.93 9.36 -4.14
N THR B 38 -19.55 8.89 -3.08
CA THR B 38 -20.09 9.73 -2.00
C THR B 38 -19.60 9.17 -0.67
N VAL B 39 -19.27 10.05 0.27
CA VAL B 39 -19.05 9.70 1.70
C VAL B 39 -20.44 9.57 2.32
N LEU B 40 -20.75 8.39 2.85
CA LEU B 40 -22.07 8.06 3.43
C LEU B 40 -22.02 8.05 4.96
N ALA B 41 -20.82 8.00 5.54
CA ALA B 41 -20.62 7.99 6.99
C ALA B 41 -19.16 8.25 7.30
N ILE B 42 -18.90 8.83 8.48
CA ILE B 42 -17.54 9.07 9.00
C ILE B 42 -17.56 8.73 10.48
N GLY B 43 -16.57 7.99 10.95
CA GLY B 43 -16.33 7.71 12.37
C GLY B 43 -14.89 7.92 12.75
N THR B 44 -14.65 8.22 14.03
CA THR B 44 -13.29 8.48 14.54
C THR B 44 -13.09 7.83 15.91
N ALA B 45 -11.86 7.56 16.24
CA ALA B 45 -11.50 6.97 17.54
C ALA B 45 -10.10 7.39 17.90
N VAL B 46 -9.87 7.58 19.20
CA VAL B 46 -8.54 7.96 19.72
C VAL B 46 -8.30 7.08 20.94
N PRO B 47 -7.03 6.82 21.28
CA PRO B 47 -6.72 6.22 22.57
C PRO B 47 -7.31 7.11 23.68
N ALA B 48 -7.79 6.50 24.76
CA ALA B 48 -8.39 7.22 25.91
C ALA B 48 -7.32 8.08 26.57
N ASN B 49 -6.05 7.62 26.60
CA ASN B 49 -4.95 8.36 27.24
C ASN B 49 -4.78 9.73 26.54
N CYS B 50 -4.96 10.81 27.28
CA CYS B 50 -4.99 12.20 26.77
C CYS B 50 -3.76 12.92 27.33
N VAL B 51 -2.86 13.46 26.50
CA VAL B 51 -1.67 14.20 27.00
C VAL B 51 -1.88 15.68 26.65
N TYR B 52 -1.90 16.52 27.68
CA TYR B 52 -2.06 18.01 27.57
C TYR B 52 -0.74 18.60 27.12
N GLN B 53 -0.81 19.50 26.14
CA GLN B 53 0.39 20.16 25.58
C GLN B 53 1.05 21.10 26.62
N ALA B 54 0.29 21.73 27.51
CA ALA B 54 0.82 22.71 28.49
C ALA B 54 1.88 22.03 29.38
N THR B 55 1.68 20.78 29.76
CA THR B 55 2.60 20.03 30.66
C THR B 55 3.51 19.09 29.83
N TYR B 56 3.45 19.12 28.50
CA TYR B 56 4.14 18.08 27.70
C TYR B 56 5.65 18.26 27.73
N PRO B 57 6.25 19.47 27.59
CA PRO B 57 7.70 19.53 27.64
C PRO B 57 8.27 18.90 28.92
N ASP B 58 7.68 19.17 30.08
CA ASP B 58 8.11 18.53 31.37
C ASP B 58 7.94 17.00 31.29
N TYR B 59 6.77 16.51 30.88
CA TYR B 59 6.50 15.04 30.78
C TYR B 59 7.55 14.39 29.86
N TYR B 60 7.75 14.95 28.67
CA TYR B 60 8.60 14.33 27.62
C TYR B 60 10.05 14.27 28.10
N PHE B 61 10.58 15.35 28.65
CA PHE B 61 11.99 15.38 29.15
C PHE B 61 12.13 14.49 30.39
N ARG B 62 11.10 14.35 31.22
CA ARG B 62 11.15 13.48 32.43
C ARG B 62 11.16 12.00 32.00
N VAL B 63 10.19 11.56 31.19
CA VAL B 63 10.06 10.10 30.90
C VAL B 63 11.19 9.66 29.96
N THR B 64 11.84 10.53 29.22
CA THR B 64 13.02 10.15 28.38
C THR B 64 14.31 10.37 29.16
N LYS B 65 14.21 10.71 30.45
CA LYS B 65 15.40 10.91 31.34
C LYS B 65 16.35 11.88 30.69
N SER B 66 15.84 13.04 30.23
CA SER B 66 16.60 14.03 29.44
C SER B 66 16.61 15.40 30.11
N GLU B 67 16.34 15.43 31.42
CA GLU B 67 16.28 16.71 32.19
C GLU B 67 17.62 17.46 32.17
N HIS B 68 18.75 16.79 31.95
CA HIS B 68 20.07 17.46 31.81
C HIS B 68 20.14 18.29 30.53
N LEU B 69 19.24 18.09 29.57
CA LEU B 69 19.32 18.84 28.28
C LEU B 69 18.42 20.08 28.42
N ALA B 70 18.79 21.04 29.28
CA ALA B 70 17.99 22.27 29.56
C ALA B 70 17.82 23.15 28.32
N ASP B 71 18.84 23.34 27.49
CA ASP B 71 18.70 24.23 26.30
C ASP B 71 17.76 23.55 25.29
N LEU B 72 17.87 22.24 25.08
CA LEU B 72 16.95 21.46 24.20
C LEU B 72 15.52 21.58 24.74
N LYS B 73 15.35 21.44 26.04
CA LYS B 73 14.01 21.53 26.67
C LYS B 73 13.41 22.91 26.39
N GLU B 74 14.19 23.99 26.45
CA GLU B 74 13.67 25.36 26.15
C GLU B 74 13.26 25.44 24.69
N LYS B 75 14.03 24.89 23.77
CA LYS B 75 13.64 24.83 22.32
C LYS B 75 12.34 24.05 22.19
N PHE B 76 12.22 22.91 22.87
CA PHE B 76 10.96 22.12 22.83
C PHE B 76 9.81 22.92 23.42
N GLN B 77 10.04 23.63 24.52
CA GLN B 77 8.95 24.46 25.11
C GLN B 77 8.43 25.47 24.08
N ARG B 78 9.31 26.16 23.35
CA ARG B 78 8.89 27.16 22.34
C ARG B 78 8.14 26.45 21.21
N MET B 79 8.62 25.29 20.76
CA MET B 79 7.82 24.47 19.75
C MET B 79 6.42 24.16 20.26
N CYS B 80 6.28 23.68 21.52
CA CYS B 80 4.96 23.34 22.07
C CYS B 80 4.10 24.60 22.23
N ASP B 81 4.69 25.72 22.66
CA ASP B 81 3.91 26.97 22.86
C ASP B 81 3.34 27.44 21.51
N LYS B 82 4.06 27.30 20.42
CA LYS B 82 3.64 27.79 19.07
C LYS B 82 2.80 26.72 18.35
N SER B 83 2.67 25.51 18.90
CA SER B 83 2.09 24.33 18.20
C SER B 83 0.60 24.54 17.91
N MET B 84 -0.10 25.33 18.71
CA MET B 84 -1.58 25.52 18.67
C MET B 84 -2.28 24.17 18.87
N ILE B 85 -1.66 23.29 19.64
CA ILE B 85 -2.23 22.02 20.11
C ILE B 85 -2.55 22.16 21.59
N ARG B 86 -3.77 21.80 21.96
CA ARG B 86 -4.22 21.79 23.39
C ARG B 86 -3.94 20.41 24.00
N LYS B 87 -4.27 19.36 23.25
CA LYS B 87 -4.13 17.98 23.75
C LYS B 87 -3.94 17.05 22.54
N ARG B 88 -3.33 15.93 22.82
CA ARG B 88 -3.22 14.78 21.89
C ARG B 88 -3.60 13.52 22.64
N HIS B 89 -4.00 12.52 21.89
CA HIS B 89 -4.28 11.18 22.44
C HIS B 89 -3.09 10.29 22.08
N MET B 90 -2.59 9.51 23.04
CA MET B 90 -1.39 8.68 22.81
C MET B 90 -1.59 7.34 23.51
N HIS B 91 -1.51 6.25 22.75
CA HIS B 91 -1.60 4.90 23.33
C HIS B 91 -0.47 4.71 24.35
N LEU B 92 0.72 5.17 24.01
CA LEU B 92 1.97 5.12 24.81
C LEU B 92 1.74 5.89 26.11
N THR B 93 1.83 5.19 27.24
CA THR B 93 1.68 5.74 28.59
C THR B 93 3.04 5.60 29.28
N GLU B 94 3.22 6.29 30.39
CA GLU B 94 4.48 6.19 31.14
C GLU B 94 4.66 4.74 31.59
N GLU B 95 3.60 4.02 31.95
CA GLU B 95 3.69 2.58 32.34
C GLU B 95 4.29 1.75 31.20
N ILE B 96 3.85 1.99 29.97
CA ILE B 96 4.40 1.25 28.81
C ILE B 96 5.83 1.73 28.57
N LEU B 97 6.11 3.02 28.69
CA LEU B 97 7.49 3.51 28.44
C LEU B 97 8.47 2.91 29.46
N ILE B 98 8.05 2.78 30.73
CA ILE B 98 8.94 2.17 31.76
C ILE B 98 9.25 0.72 31.37
N LYS B 99 8.29 -0.04 30.86
CA LYS B 99 8.54 -1.43 30.40
C LYS B 99 9.32 -1.49 29.07
N ASN B 100 9.59 -0.36 28.40
CA ASN B 100 10.22 -0.38 27.04
C ASN B 100 11.26 0.72 26.96
N PRO B 101 12.31 0.69 27.82
CA PRO B 101 13.27 1.78 27.90
C PRO B 101 14.02 2.04 26.58
N LYS B 102 14.20 1.02 25.74
CA LYS B 102 14.89 1.16 24.41
C LYS B 102 14.11 2.17 23.53
N ILE B 103 12.80 2.22 23.70
CA ILE B 103 11.92 3.21 23.00
C ILE B 103 12.26 4.64 23.53
N CYS B 104 12.56 4.83 24.81
CA CYS B 104 12.90 6.17 25.37
C CYS B 104 14.24 6.74 24.90
N ALA B 105 15.21 5.92 24.50
CA ALA B 105 16.51 6.41 23.97
C ALA B 105 16.27 7.12 22.64
N HIS B 106 17.22 7.92 22.16
CA HIS B 106 17.07 8.59 20.85
C HIS B 106 17.10 7.53 19.76
N MET B 107 18.09 6.64 19.76
CA MET B 107 18.30 5.74 18.58
C MET B 107 18.83 4.39 19.07
N GLU B 108 18.10 3.68 19.92
CA GLU B 108 18.55 2.31 20.26
C GLU B 108 17.70 1.30 19.46
N THR B 109 18.20 0.08 19.30
CA THR B 109 17.51 -1.04 18.61
C THR B 109 16.19 -1.24 19.32
N SER B 110 15.07 -0.99 18.65
CA SER B 110 13.76 -0.98 19.32
C SER B 110 12.62 -1.29 18.35
N LEU B 111 12.87 -1.57 17.06
CA LEU B 111 11.75 -1.83 16.09
C LEU B 111 10.86 -2.98 16.59
N ASP B 112 11.44 -4.10 17.09
CA ASP B 112 10.61 -5.25 17.52
C ASP B 112 9.66 -4.84 18.65
N ALA B 113 10.15 -4.11 19.68
CA ALA B 113 9.30 -3.64 20.78
C ALA B 113 8.20 -2.70 20.26
N ARG B 114 8.53 -1.84 19.31
CA ARG B 114 7.55 -0.87 18.75
C ARG B 114 6.48 -1.64 17.97
N HIS B 115 6.90 -2.57 17.12
CA HIS B 115 5.96 -3.42 16.34
C HIS B 115 5.03 -4.21 17.25
N ALA B 116 5.54 -4.72 18.39
CA ALA B 116 4.71 -5.54 19.31
C ALA B 116 3.51 -4.70 19.78
N ILE B 117 3.68 -3.38 19.90
CA ILE B 117 2.57 -2.48 20.32
C ILE B 117 1.73 -2.12 19.07
N ALA B 118 2.37 -1.55 18.06
CA ALA B 118 1.63 -0.92 16.94
C ALA B 118 0.91 -1.98 16.10
N LEU B 119 1.47 -3.16 15.88
CA LEU B 119 0.79 -4.15 15.01
C LEU B 119 -0.51 -4.65 15.66
N VAL B 120 -0.65 -4.51 16.98
CA VAL B 120 -1.93 -4.85 17.67
C VAL B 120 -2.82 -3.60 17.72
N GLU B 121 -2.27 -2.46 18.12
CA GLU B 121 -3.13 -1.26 18.42
C GLU B 121 -3.63 -0.59 17.15
N VAL B 122 -2.88 -0.66 16.04
CA VAL B 122 -3.35 0.02 14.79
C VAL B 122 -4.70 -0.55 14.35
N PRO B 123 -4.84 -1.87 14.14
CA PRO B 123 -6.12 -2.43 13.73
C PRO B 123 -7.21 -2.27 14.79
N LYS B 124 -6.86 -2.35 16.08
CA LYS B 124 -7.84 -2.17 17.17
C LYS B 124 -8.39 -0.75 17.17
N LEU B 125 -7.55 0.28 17.02
CA LEU B 125 -8.04 1.68 16.97
C LEU B 125 -8.89 1.85 15.68
N GLY B 126 -8.46 1.24 14.58
CA GLY B 126 -9.20 1.26 13.30
C GLY B 126 -10.57 0.66 13.47
N GLN B 127 -10.66 -0.46 14.21
CA GLN B 127 -11.94 -1.08 14.58
C GLN B 127 -12.85 -0.07 15.28
N GLY B 128 -12.35 0.67 16.26
CA GLY B 128 -13.15 1.70 16.97
C GLY B 128 -13.73 2.70 15.98
N ALA B 129 -12.94 3.22 15.04
CA ALA B 129 -13.42 4.23 14.08
C ALA B 129 -14.42 3.56 13.14
N ALA B 130 -14.08 2.38 12.64
CA ALA B 130 -14.93 1.68 11.65
C ALA B 130 -16.31 1.38 12.27
N GLU B 131 -16.35 0.91 13.51
CA GLU B 131 -17.66 0.56 14.16
C GLU B 131 -18.54 1.80 14.26
N LYS B 132 -17.96 2.97 14.47
CA LYS B 132 -18.73 4.22 14.60
C LYS B 132 -19.25 4.64 13.23
N ALA B 133 -18.45 4.50 12.17
CA ALA B 133 -18.92 4.84 10.79
C ALA B 133 -20.00 3.84 10.38
N ILE B 134 -19.81 2.56 10.66
CA ILE B 134 -20.81 1.53 10.30
C ILE B 134 -22.14 1.81 11.02
N LYS B 135 -22.10 2.24 12.27
CA LYS B 135 -23.31 2.62 13.06
C LYS B 135 -24.01 3.81 12.38
N GLU B 136 -23.27 4.85 12.01
CA GLU B 136 -23.88 5.99 11.31
C GLU B 136 -24.53 5.50 10.01
N TRP B 137 -23.84 4.67 9.23
CA TRP B 137 -24.35 4.20 7.92
C TRP B 137 -25.63 3.35 8.08
N GLY B 138 -25.58 2.38 8.98
CA GLY B 138 -26.73 1.59 9.41
C GLY B 138 -26.98 0.36 8.55
N GLN B 139 -26.22 0.13 7.48
CA GLN B 139 -26.39 -1.06 6.64
C GLN B 139 -25.69 -2.28 7.26
N PRO B 140 -26.13 -3.50 6.90
CA PRO B 140 -25.46 -4.72 7.33
C PRO B 140 -24.00 -4.80 6.85
N LEU B 141 -23.15 -5.46 7.63
CA LEU B 141 -21.71 -5.65 7.30
C LEU B 141 -21.58 -6.35 5.96
N SER B 142 -22.54 -7.19 5.61
CA SER B 142 -22.49 -7.97 4.34
C SER B 142 -22.51 -6.99 3.17
N LYS B 143 -22.91 -5.71 3.32
CA LYS B 143 -22.92 -4.75 2.19
C LYS B 143 -21.52 -4.19 1.92
N ILE B 144 -20.59 -4.36 2.84
CA ILE B 144 -19.22 -3.82 2.65
C ILE B 144 -18.50 -4.75 1.66
N THR B 145 -18.15 -4.25 0.49
CA THR B 145 -17.55 -5.09 -0.58
C THR B 145 -16.02 -4.91 -0.63
N HIS B 146 -15.51 -3.80 -0.11
CA HIS B 146 -14.08 -3.41 -0.23
C HIS B 146 -13.64 -2.77 1.08
N LEU B 147 -12.39 -2.99 1.42
CA LEU B 147 -11.73 -2.36 2.59
C LEU B 147 -10.42 -1.76 2.11
N VAL B 148 -10.17 -0.50 2.41
CA VAL B 148 -8.85 0.16 2.17
C VAL B 148 -8.35 0.55 3.56
N PHE B 149 -7.23 -0.01 3.99
CA PHE B 149 -6.59 0.35 5.26
C PHE B 149 -5.32 1.10 4.96
N CYS B 150 -5.15 2.24 5.62
CA CYS B 150 -3.99 3.12 5.49
C CYS B 150 -3.34 3.34 6.86
N THR B 151 -2.04 3.22 6.90
CA THR B 151 -1.24 3.54 8.10
C THR B 151 0.16 3.98 7.69
N THR B 152 0.80 4.64 8.65
CA THR B 152 2.22 5.00 8.64
C THR B 152 2.92 4.34 9.82
N SER B 153 2.20 3.52 10.59
CA SER B 153 2.60 3.01 11.93
C SER B 153 2.85 1.50 11.89
N GLY B 154 3.97 1.06 11.32
CA GLY B 154 4.36 -0.34 11.34
C GLY B 154 3.88 -1.08 10.10
N VAL B 155 4.47 -2.24 9.84
CA VAL B 155 4.05 -3.08 8.66
C VAL B 155 4.06 -4.53 9.13
N ASP B 156 3.26 -5.36 8.48
CA ASP B 156 3.18 -6.79 8.81
C ASP B 156 2.48 -7.53 7.68
N MET B 157 2.62 -8.85 7.68
CA MET B 157 1.90 -9.74 6.71
C MET B 157 1.36 -10.92 7.49
N PRO B 158 0.06 -11.20 7.46
CA PRO B 158 -0.92 -10.37 6.76
C PRO B 158 -1.07 -8.99 7.45
N GLY B 159 -1.64 -8.05 6.71
CA GLY B 159 -1.71 -6.64 7.12
C GLY B 159 -2.84 -6.31 8.07
N ALA B 160 -2.89 -5.04 8.45
CA ALA B 160 -3.95 -4.46 9.28
C ALA B 160 -5.30 -4.64 8.58
N ASP B 161 -5.34 -4.68 7.26
CA ASP B 161 -6.58 -4.92 6.48
C ASP B 161 -7.18 -6.29 6.87
N TYR B 162 -6.35 -7.31 6.88
CA TYR B 162 -6.73 -8.68 7.32
C TYR B 162 -7.17 -8.63 8.77
N GLN B 163 -6.35 -7.99 9.64
CA GLN B 163 -6.68 -7.99 11.09
C GLN B 163 -8.04 -7.34 11.29
N LEU B 164 -8.31 -6.24 10.59
CA LEU B 164 -9.59 -5.51 10.79
C LEU B 164 -10.74 -6.34 10.25
N THR B 165 -10.57 -6.99 9.10
CA THR B 165 -11.57 -7.92 8.50
C THR B 165 -12.00 -8.91 9.58
N LYS B 166 -11.05 -9.47 10.30
CA LYS B 166 -11.29 -10.47 11.40
C LYS B 166 -12.00 -9.78 12.56
N LEU B 167 -11.53 -8.60 12.98
CA LEU B 167 -12.09 -7.91 14.17
C LEU B 167 -13.56 -7.54 13.90
N LEU B 168 -13.88 -7.04 12.70
CA LEU B 168 -15.24 -6.53 12.43
C LEU B 168 -16.18 -7.67 12.05
N GLY B 169 -15.65 -8.78 11.54
CA GLY B 169 -16.52 -9.82 10.96
C GLY B 169 -16.92 -9.45 9.55
N LEU B 170 -16.07 -8.77 8.77
CA LEU B 170 -16.40 -8.52 7.34
C LEU B 170 -16.47 -9.87 6.65
N SER B 171 -17.16 -9.93 5.53
CA SER B 171 -17.15 -11.11 4.65
C SER B 171 -15.71 -11.50 4.30
N PRO B 172 -15.38 -12.82 4.27
CA PRO B 172 -14.07 -13.28 3.79
C PRO B 172 -13.77 -12.86 2.33
N THR B 173 -14.80 -12.51 1.54
CA THR B 173 -14.68 -12.12 0.12
C THR B 173 -14.56 -10.60 -0.03
N VAL B 174 -14.42 -9.83 1.06
CA VAL B 174 -14.12 -8.37 0.96
C VAL B 174 -12.82 -8.19 0.14
N LYS B 175 -12.82 -7.24 -0.78
CA LYS B 175 -11.63 -6.93 -1.60
C LYS B 175 -10.82 -5.88 -0.85
N ARG B 176 -9.60 -6.24 -0.47
CA ARG B 176 -8.76 -5.40 0.42
C ARG B 176 -7.65 -4.68 -0.35
N LEU B 177 -7.36 -3.47 0.08
CA LEU B 177 -6.14 -2.73 -0.31
C LEU B 177 -5.45 -2.33 0.99
N MET B 178 -4.20 -2.76 1.16
CA MET B 178 -3.40 -2.46 2.35
C MET B 178 -2.38 -1.37 1.97
N MET B 179 -2.58 -0.18 2.49
CA MET B 179 -1.76 1.01 2.17
C MET B 179 -0.83 1.25 3.36
N TYR B 180 0.40 0.79 3.26
CA TYR B 180 1.44 0.85 4.35
C TYR B 180 2.42 1.99 4.08
N GLN B 181 2.96 2.54 5.16
CA GLN B 181 4.09 3.50 5.16
C GLN B 181 3.72 4.69 4.27
N GLN B 182 2.49 5.18 4.38
CA GLN B 182 1.92 6.15 3.41
C GLN B 182 2.31 7.58 3.76
N GLY B 183 2.18 7.98 5.02
CA GLY B 183 2.39 9.38 5.47
C GLY B 183 1.11 10.20 5.46
N CYS B 184 1.25 11.52 5.57
CA CYS B 184 0.11 12.42 5.91
C CYS B 184 -0.84 12.57 4.72
N PHE B 185 -0.45 12.23 3.49
CA PHE B 185 -1.42 12.39 2.37
C PHE B 185 -2.29 11.13 2.22
N GLY B 186 -2.05 10.10 3.04
CA GLY B 186 -2.78 8.82 2.93
C GLY B 186 -4.28 8.98 3.03
N GLY B 187 -4.78 9.91 3.85
CA GLY B 187 -6.23 10.14 3.99
C GLY B 187 -6.82 10.57 2.67
N ALA B 188 -6.12 11.41 1.93
CA ALA B 188 -6.57 11.82 0.58
C ALA B 188 -6.48 10.61 -0.35
N THR B 189 -5.38 9.86 -0.29
CA THR B 189 -5.16 8.72 -1.19
C THR B 189 -6.29 7.69 -1.04
N VAL B 190 -6.70 7.36 0.18
CA VAL B 190 -7.77 6.33 0.35
C VAL B 190 -9.07 6.84 -0.27
N LEU B 191 -9.37 8.15 -0.22
CA LEU B 191 -10.59 8.69 -0.87
C LEU B 191 -10.46 8.62 -2.40
N ARG B 192 -9.27 8.92 -2.94
CA ARG B 192 -8.98 8.76 -4.38
C ARG B 192 -9.20 7.29 -4.79
N LEU B 193 -8.70 6.35 -4.02
CA LEU B 193 -8.82 4.90 -4.33
C LEU B 193 -10.29 4.50 -4.28
N ALA B 194 -10.97 4.90 -3.20
CA ALA B 194 -12.38 4.53 -2.95
C ALA B 194 -13.25 5.11 -4.08
N LYS B 195 -12.93 6.31 -4.57
CA LYS B 195 -13.72 6.96 -5.66
C LYS B 195 -13.73 6.05 -6.89
N ASP B 196 -12.57 5.64 -7.37
CA ASP B 196 -12.46 4.76 -8.57
C ASP B 196 -13.13 3.40 -8.28
N ILE B 197 -12.93 2.81 -7.10
CA ILE B 197 -13.58 1.51 -6.77
C ILE B 197 -15.09 1.68 -6.79
N ALA B 198 -15.60 2.69 -6.10
CA ALA B 198 -17.06 2.84 -5.91
C ALA B 198 -17.71 3.16 -7.26
N GLU B 199 -17.09 3.99 -8.08
CA GLU B 199 -17.71 4.43 -9.39
C GLU B 199 -17.66 3.27 -10.39
N ASN B 200 -16.66 2.42 -10.31
CA ASN B 200 -16.45 1.37 -11.35
C ASN B 200 -17.19 0.08 -10.99
N ASN B 201 -17.81 -0.03 -9.81
CA ASN B 201 -18.36 -1.33 -9.35
C ASN B 201 -19.78 -1.10 -8.80
N ARG B 202 -20.78 -1.54 -9.54
CA ARG B 202 -22.19 -1.29 -9.15
C ARG B 202 -22.44 -1.96 -7.81
N GLY B 203 -23.02 -1.24 -6.86
CA GLY B 203 -23.31 -1.83 -5.53
C GLY B 203 -22.11 -1.76 -4.59
N ALA B 204 -20.89 -1.39 -5.03
CA ALA B 204 -19.73 -1.45 -4.14
C ALA B 204 -19.90 -0.46 -2.99
N ARG B 205 -19.52 -0.89 -1.80
CA ARG B 205 -19.49 -0.04 -0.58
C ARG B 205 -18.11 -0.23 0.03
N VAL B 206 -17.33 0.83 0.02
CA VAL B 206 -15.91 0.80 0.41
C VAL B 206 -15.81 1.32 1.83
N LEU B 207 -15.28 0.50 2.72
CA LEU B 207 -14.84 0.97 4.05
C LEU B 207 -13.40 1.44 3.91
N VAL B 208 -13.14 2.69 4.23
CA VAL B 208 -11.76 3.23 4.27
C VAL B 208 -11.44 3.52 5.73
N VAL B 209 -10.25 3.14 6.14
CA VAL B 209 -9.78 3.31 7.54
C VAL B 209 -8.34 3.78 7.52
N CYS B 210 -8.07 4.89 8.21
CA CYS B 210 -6.71 5.37 8.44
C CYS B 210 -6.49 5.30 9.96
N SER B 211 -5.39 4.72 10.38
CA SER B 211 -5.12 4.48 11.81
C SER B 211 -3.66 4.67 12.10
N GLU B 212 -3.31 5.51 13.09
CA GLU B 212 -1.93 5.94 13.35
C GLU B 212 -1.64 5.82 14.86
N ILE B 213 -0.51 5.21 15.21
CA ILE B 213 -0.05 5.00 16.61
C ILE B 213 1.40 5.48 16.66
N THR B 214 1.69 6.53 17.45
CA THR B 214 3.02 7.20 17.48
C THR B 214 4.06 6.32 18.19
N ALA B 215 3.68 5.17 18.75
CA ALA B 215 4.65 4.23 19.36
C ALA B 215 5.77 3.89 18.37
N MET B 216 5.52 3.95 17.04
CA MET B 216 6.54 3.60 16.02
C MET B 216 7.66 4.65 15.99
N ALA B 217 7.36 5.91 16.31
CA ALA B 217 8.24 7.09 16.09
C ALA B 217 8.74 7.66 17.44
N PHE B 218 8.03 7.43 18.54
CA PHE B 218 8.35 8.10 19.83
C PHE B 218 9.80 7.77 20.23
N ARG B 219 10.61 8.77 20.55
CA ARG B 219 11.99 8.54 21.03
C ARG B 219 12.45 9.73 21.89
N GLY B 220 13.56 9.54 22.58
CA GLY B 220 14.26 10.59 23.33
C GLY B 220 14.80 11.70 22.44
N PRO B 221 15.00 12.91 23.02
CA PRO B 221 15.48 14.05 22.26
C PRO B 221 16.99 13.97 22.02
N CYS B 222 17.47 14.68 21.01
CA CYS B 222 18.88 14.73 20.63
C CYS B 222 19.17 16.06 19.97
N LYS B 223 20.27 16.71 20.38
CA LYS B 223 20.73 18.05 19.90
C LYS B 223 20.91 18.01 18.38
N SER B 224 21.30 16.87 17.82
CA SER B 224 21.61 16.72 16.38
C SER B 224 20.33 16.61 15.54
N HIS B 225 19.16 16.42 16.15
CA HIS B 225 17.91 16.06 15.41
C HIS B 225 16.76 16.93 15.91
N LEU B 226 16.82 18.23 15.60
CA LEU B 226 15.79 19.19 16.06
C LEU B 226 14.48 18.96 15.28
N ASP B 227 14.54 18.37 14.08
CA ASP B 227 13.30 18.00 13.32
C ASP B 227 12.54 16.87 14.04
N SER B 228 13.24 15.92 14.65
CA SER B 228 12.60 14.90 15.52
C SER B 228 11.88 15.62 16.69
N LEU B 229 12.48 16.67 17.23
CA LEU B 229 11.84 17.46 18.33
C LEU B 229 10.51 18.06 17.84
N VAL B 230 10.49 18.59 16.60
CA VAL B 230 9.25 19.13 15.98
C VAL B 230 8.17 18.05 15.95
N GLY B 231 8.52 16.85 15.47
CA GLY B 231 7.58 15.71 15.43
C GLY B 231 6.97 15.42 16.78
N HIS B 232 7.77 15.47 17.83
CA HIS B 232 7.34 15.18 19.21
C HIS B 232 6.40 16.27 19.75
N ALA B 233 6.44 17.46 19.18
CA ALA B 233 5.53 18.55 19.55
C ALA B 233 4.18 18.37 18.84
N LEU B 234 4.14 17.68 17.68
CA LEU B 234 2.95 17.74 16.79
C LEU B 234 2.16 16.42 16.71
N PHE B 235 2.81 15.27 16.63
CA PHE B 235 2.17 13.99 16.24
C PHE B 235 1.37 13.40 17.38
N GLY B 236 0.13 13.01 17.09
CA GLY B 236 -0.75 12.27 17.99
C GLY B 236 -1.34 11.03 17.34
N ASP B 237 -2.13 10.28 18.09
CA ASP B 237 -2.69 8.98 17.66
C ASP B 237 -4.15 9.21 17.28
N GLY B 238 -4.65 8.43 16.33
CA GLY B 238 -6.09 8.50 15.98
C GLY B 238 -6.37 7.58 14.83
N ALA B 239 -7.62 7.24 14.69
CA ALA B 239 -8.11 6.51 13.51
C ALA B 239 -9.39 7.18 13.05
N ALA B 240 -9.60 7.12 11.76
CA ALA B 240 -10.84 7.59 11.12
C ALA B 240 -11.26 6.58 10.07
N ALA B 241 -12.56 6.46 9.85
CA ALA B 241 -13.15 5.54 8.88
C ALA B 241 -14.27 6.26 8.15
N ALA B 242 -14.49 5.87 6.92
CA ALA B 242 -15.62 6.35 6.14
C ALA B 242 -16.15 5.19 5.28
N ILE B 243 -17.44 5.29 4.99
CA ILE B 243 -18.11 4.43 4.00
C ILE B 243 -18.28 5.25 2.73
N ILE B 244 -17.83 4.72 1.61
CA ILE B 244 -17.93 5.39 0.30
C ILE B 244 -18.74 4.54 -0.64
N GLY B 245 -19.67 5.17 -1.36
CA GLY B 245 -20.45 4.46 -2.37
C GLY B 245 -20.93 5.41 -3.42
N ALA B 246 -21.15 4.91 -4.61
CA ALA B 246 -21.85 5.66 -5.68
C ALA B 246 -23.33 5.21 -5.74
N ASP B 247 -24.22 6.10 -6.21
CA ASP B 247 -25.69 5.86 -6.31
C ASP B 247 -26.26 5.45 -4.94
N PRO B 248 -26.23 6.36 -3.94
CA PRO B 248 -26.73 6.03 -2.61
C PRO B 248 -28.22 5.66 -2.71
N ASP B 249 -28.65 4.65 -1.97
CA ASP B 249 -30.07 4.26 -1.92
C ASP B 249 -30.87 5.45 -1.33
N GLN B 250 -31.90 5.92 -2.03
CA GLN B 250 -32.75 7.07 -1.62
C GLN B 250 -33.33 6.87 -0.20
N LEU B 251 -33.72 5.65 0.16
CA LEU B 251 -34.38 5.37 1.47
C LEU B 251 -33.36 5.08 2.57
N ASP B 252 -32.28 4.36 2.25
CA ASP B 252 -31.43 3.69 3.26
C ASP B 252 -30.13 4.44 3.54
N GLU B 253 -29.70 5.35 2.66
CA GLU B 253 -28.38 5.97 2.77
C GLU B 253 -28.58 7.48 2.62
N GLN B 254 -27.84 8.26 3.35
CA GLN B 254 -27.90 9.74 3.28
C GLN B 254 -26.47 10.19 3.05
N PRO B 255 -26.17 10.83 1.90
CA PRO B 255 -24.83 11.30 1.61
C PRO B 255 -24.39 12.40 2.60
N VAL B 256 -23.08 12.55 2.75
CA VAL B 256 -22.45 13.62 3.57
C VAL B 256 -21.64 14.52 2.62
N PHE B 257 -20.81 13.93 1.76
CA PHE B 257 -19.99 14.71 0.81
C PHE B 257 -19.86 13.91 -0.48
N GLN B 258 -19.70 14.57 -1.62
CA GLN B 258 -19.45 13.88 -2.90
C GLN B 258 -17.97 14.07 -3.22
N LEU B 259 -17.33 13.06 -3.77
CA LEU B 259 -15.91 13.06 -4.18
C LEU B 259 -15.92 13.38 -5.68
N VAL B 260 -15.56 14.60 -6.07
CA VAL B 260 -15.75 15.09 -7.48
C VAL B 260 -14.50 14.77 -8.32
N SER B 261 -13.32 15.06 -7.83
CA SER B 261 -12.09 14.84 -8.59
C SER B 261 -10.93 14.67 -7.60
N ALA B 262 -9.86 14.02 -8.04
CA ALA B 262 -8.67 13.76 -7.20
C ALA B 262 -7.46 13.93 -8.07
N SER B 263 -6.50 14.68 -7.59
CA SER B 263 -5.23 14.96 -8.26
C SER B 263 -4.08 14.80 -7.26
N GLN B 264 -2.90 14.61 -7.79
CA GLN B 264 -1.67 14.47 -6.97
C GLN B 264 -0.55 15.15 -7.72
N THR B 265 0.38 15.76 -7.00
CA THR B 265 1.55 16.37 -7.64
C THR B 265 2.75 16.34 -6.70
N ILE B 266 3.94 16.24 -7.27
CA ILE B 266 5.22 16.41 -6.54
C ILE B 266 5.63 17.87 -6.68
N LEU B 267 5.91 18.56 -5.58
CA LEU B 267 6.23 20.03 -5.67
C LEU B 267 7.64 20.20 -6.23
N PRO B 268 7.83 21.20 -7.12
CA PRO B 268 9.17 21.55 -7.60
C PRO B 268 10.11 21.94 -6.45
N GLU B 269 11.37 21.54 -6.56
CA GLU B 269 12.48 21.96 -5.64
C GLU B 269 12.20 21.45 -4.24
N SER B 270 11.55 20.31 -4.08
CA SER B 270 11.10 19.86 -2.74
C SER B 270 11.80 18.55 -2.34
N GLU B 271 12.76 18.11 -3.12
CA GLU B 271 13.50 16.84 -2.90
C GLU B 271 13.96 16.82 -1.44
N GLY B 272 13.63 15.78 -0.68
CA GLY B 272 14.13 15.64 0.70
C GLY B 272 13.44 16.51 1.73
N ALA B 273 12.37 17.22 1.39
CA ALA B 273 11.70 18.12 2.37
C ALA B 273 11.16 17.30 3.54
N ILE B 274 10.55 16.13 3.29
CA ILE B 274 9.97 15.28 4.34
C ILE B 274 10.37 13.84 4.03
N ASP B 275 11.26 13.23 4.82
CA ASP B 275 11.66 11.81 4.62
C ASP B 275 11.29 11.09 5.92
N GLY B 276 10.98 9.80 5.82
CA GLY B 276 10.59 8.96 6.94
C GLY B 276 11.19 7.59 6.71
N HIS B 277 12.06 7.14 7.60
CA HIS B 277 12.77 5.85 7.45
C HIS B 277 12.29 4.89 8.54
N LEU B 278 11.97 3.67 8.14
CA LEU B 278 11.70 2.59 9.09
C LEU B 278 13.02 1.85 9.31
N THR B 279 13.58 1.99 10.50
CA THR B 279 14.94 1.56 10.83
C THR B 279 14.89 0.59 12.00
N GLU B 280 16.05 0.06 12.35
CA GLU B 280 16.21 -0.80 13.57
C GLU B 280 15.69 -0.05 14.82
N ALA B 281 15.71 1.28 14.82
CA ALA B 281 15.32 2.15 15.95
C ALA B 281 13.90 2.70 15.74
N GLY B 282 13.12 2.11 14.83
CA GLY B 282 11.75 2.59 14.57
C GLY B 282 11.73 3.64 13.48
N LEU B 283 10.62 4.35 13.42
CA LEU B 283 10.33 5.31 12.36
C LEU B 283 10.97 6.65 12.73
N THR B 284 11.84 7.16 11.88
CA THR B 284 12.54 8.44 12.12
C THR B 284 12.09 9.42 11.04
N ILE B 285 11.92 10.68 11.39
CA ILE B 285 11.47 11.74 10.46
C ILE B 285 12.66 12.66 10.17
N HIS B 286 12.73 13.17 8.95
CA HIS B 286 13.79 14.11 8.51
C HIS B 286 13.07 15.22 7.75
N LEU B 287 13.33 16.46 8.16
CA LEU B 287 12.84 17.69 7.46
C LEU B 287 14.05 18.49 6.97
N LEU B 288 14.15 18.69 5.67
CA LEU B 288 15.37 19.25 5.01
C LEU B 288 14.91 20.35 4.07
N LYS B 289 13.91 21.16 4.44
CA LYS B 289 13.67 22.44 3.69
C LYS B 289 12.71 23.38 4.46
N ASP B 290 11.94 24.18 3.72
CA ASP B 290 10.87 25.04 4.26
C ASP B 290 9.54 24.41 3.83
N VAL B 291 9.05 23.46 4.62
CA VAL B 291 7.81 22.73 4.24
C VAL B 291 6.66 23.72 4.13
N PRO B 292 6.39 24.61 5.13
CA PRO B 292 5.29 25.55 5.01
C PRO B 292 5.43 26.45 3.77
N GLY B 293 6.64 26.94 3.48
CA GLY B 293 6.87 27.76 2.28
C GLY B 293 6.64 26.98 0.99
N LEU B 294 7.13 25.75 0.90
CA LEU B 294 6.93 24.92 -0.32
C LEU B 294 5.44 24.70 -0.55
N ILE B 295 4.68 24.34 0.48
CA ILE B 295 3.23 24.05 0.28
C ILE B 295 2.53 25.37 -0.10
N SER B 296 2.75 26.42 0.67
CA SER B 296 2.04 27.71 0.45
C SER B 296 2.40 28.29 -0.93
N GLU B 297 3.61 28.08 -1.45
CA GLU B 297 4.03 28.66 -2.75
C GLU B 297 3.36 27.90 -3.92
N ASN B 298 2.78 26.73 -3.67
CA ASN B 298 2.30 25.84 -4.76
C ASN B 298 0.81 25.62 -4.67
N ILE B 299 0.18 26.04 -3.58
CA ILE B 299 -1.24 25.69 -3.30
C ILE B 299 -2.13 26.41 -4.30
N GLU B 300 -1.81 27.64 -4.71
CA GLU B 300 -2.76 28.37 -5.60
C GLU B 300 -2.81 27.68 -6.94
N GLN B 301 -1.68 27.19 -7.42
CA GLN B 301 -1.65 26.44 -8.70
C GLN B 301 -2.49 25.17 -8.56
N ALA B 302 -2.44 24.50 -7.39
CA ALA B 302 -3.28 23.30 -7.15
C ALA B 302 -4.76 23.66 -7.20
N LEU B 303 -5.14 24.78 -6.57
CA LEU B 303 -6.55 25.26 -6.58
C LEU B 303 -7.00 25.55 -8.01
N GLU B 304 -6.19 26.25 -8.79
CA GLU B 304 -6.52 26.60 -10.18
C GLU B 304 -6.66 25.33 -11.03
N ASP B 305 -5.74 24.37 -10.91
CA ASP B 305 -5.79 23.11 -11.69
C ASP B 305 -7.08 22.36 -11.36
N ALA B 306 -7.49 22.36 -10.10
CA ALA B 306 -8.70 21.63 -9.65
C ALA B 306 -9.98 22.38 -10.04
N PHE B 307 -10.01 23.72 -9.92
CA PHE B 307 -11.29 24.46 -9.91
C PHE B 307 -11.54 25.27 -11.21
N GLU B 308 -10.51 25.52 -12.00
CA GLU B 308 -10.69 26.25 -13.29
C GLU B 308 -11.71 25.53 -14.17
N PRO B 309 -11.65 24.18 -14.34
CA PRO B 309 -12.68 23.48 -15.10
C PRO B 309 -14.11 23.68 -14.58
N LEU B 310 -14.29 24.07 -13.33
CA LEU B 310 -15.63 24.31 -12.73
C LEU B 310 -15.98 25.80 -12.73
N GLY B 311 -15.11 26.66 -13.21
CA GLY B 311 -15.37 28.12 -13.26
C GLY B 311 -15.32 28.74 -11.86
N ILE B 312 -14.54 28.17 -10.94
CA ILE B 312 -14.51 28.70 -9.54
C ILE B 312 -13.16 29.39 -9.32
N HIS B 313 -13.17 30.60 -8.77
CA HIS B 313 -11.97 31.47 -8.65
C HIS B 313 -11.85 32.02 -7.23
N ASN B 314 -12.94 32.14 -6.49
CA ASN B 314 -12.92 32.70 -5.12
C ASN B 314 -12.68 31.57 -4.11
N TRP B 315 -11.52 31.53 -3.50
CA TRP B 315 -11.13 30.46 -2.55
C TRP B 315 -11.80 30.69 -1.21
N ASN B 316 -12.48 31.84 -1.02
CA ASN B 316 -13.34 32.05 0.15
C ASN B 316 -14.77 31.61 -0.12
N SER B 317 -15.09 31.11 -1.29
CA SER B 317 -16.46 30.66 -1.64
C SER B 317 -16.55 29.13 -1.53
N ILE B 318 -15.47 28.47 -1.10
CA ILE B 318 -15.40 26.98 -0.98
C ILE B 318 -15.07 26.63 0.46
N PHE B 319 -15.49 25.45 0.93
CA PHE B 319 -15.05 24.97 2.26
C PHE B 319 -13.70 24.29 2.11
N TRP B 320 -12.94 24.28 3.20
CA TRP B 320 -11.53 23.84 3.21
C TRP B 320 -11.35 22.69 4.21
N ILE B 321 -10.77 21.61 3.70
CA ILE B 321 -10.35 20.44 4.53
C ILE B 321 -8.85 20.33 4.32
N ALA B 322 -8.07 21.05 5.12
CA ALA B 322 -6.62 21.10 4.96
C ALA B 322 -6.00 20.18 6.00
N HIS B 323 -5.09 19.30 5.56
CA HIS B 323 -4.36 18.42 6.50
C HIS B 323 -3.70 19.33 7.54
N PRO B 324 -4.03 19.19 8.83
CA PRO B 324 -3.44 20.06 9.86
C PRO B 324 -2.04 19.58 10.22
N GLY B 325 -1.09 19.71 9.28
CA GLY B 325 0.30 19.22 9.43
C GLY B 325 0.99 19.94 10.58
N GLY B 326 0.63 21.22 10.77
CA GLY B 326 1.04 22.03 11.92
C GLY B 326 0.59 23.45 11.67
N PRO B 327 0.81 24.36 12.64
CA PRO B 327 0.18 25.67 12.57
C PRO B 327 0.82 26.52 11.47
N ALA B 328 2.11 26.30 11.15
CA ALA B 328 2.81 27.15 10.16
C ALA B 328 2.30 26.82 8.76
N ILE B 329 2.00 25.55 8.46
CA ILE B 329 1.41 25.21 7.14
C ILE B 329 0.07 25.93 6.98
N LEU B 330 -0.84 25.82 7.95
CA LEU B 330 -2.19 26.41 7.86
C LEU B 330 -2.05 27.96 7.79
N ASP B 331 -1.15 28.56 8.58
CA ASP B 331 -0.94 30.04 8.60
C ASP B 331 -0.44 30.52 7.23
N ARG B 332 0.55 29.85 6.63
CA ARG B 332 1.17 30.31 5.38
C ARG B 332 0.18 30.13 4.22
N VAL B 333 -0.59 29.05 4.21
CA VAL B 333 -1.62 28.85 3.17
C VAL B 333 -2.72 29.93 3.31
N GLU B 334 -3.20 30.16 4.51
CA GLU B 334 -4.22 31.20 4.78
C GLU B 334 -3.72 32.54 4.23
N ASP B 335 -2.47 32.88 4.54
CA ASP B 335 -1.86 34.17 4.18
C ASP B 335 -1.70 34.27 2.66
N ARG B 336 -1.12 33.25 2.01
CA ARG B 336 -0.79 33.27 0.56
C ARG B 336 -2.08 33.31 -0.27
N VAL B 337 -3.13 32.60 0.14
CA VAL B 337 -4.36 32.45 -0.67
C VAL B 337 -5.34 33.57 -0.31
N GLY B 338 -5.17 34.26 0.81
CA GLY B 338 -6.05 35.35 1.26
C GLY B 338 -7.34 34.82 1.86
N LEU B 339 -7.28 33.78 2.70
CA LEU B 339 -8.47 33.19 3.32
C LEU B 339 -8.90 34.02 4.51
N ASP B 340 -10.20 34.17 4.66
CA ASP B 340 -10.85 34.55 5.94
C ASP B 340 -10.46 33.48 6.98
N LYS B 341 -10.20 33.88 8.21
CA LYS B 341 -9.96 32.98 9.38
C LYS B 341 -10.97 31.84 9.49
N LYS B 342 -12.23 32.00 9.11
CA LYS B 342 -13.24 30.92 9.21
C LYS B 342 -12.88 29.69 8.36
N ARG B 343 -12.23 29.87 7.20
CA ARG B 343 -11.98 28.75 6.25
C ARG B 343 -11.16 27.63 6.91
N MET B 344 -10.14 27.97 7.70
CA MET B 344 -9.23 26.97 8.32
C MET B 344 -9.77 26.57 9.71
N ARG B 345 -10.96 27.02 10.13
CA ARG B 345 -11.45 26.75 11.51
C ARG B 345 -11.53 25.24 11.80
N ALA B 346 -12.14 24.43 10.94
CA ALA B 346 -12.26 22.96 11.21
C ALA B 346 -10.86 22.32 11.27
N SER B 347 -9.94 22.69 10.39
CA SER B 347 -8.56 22.14 10.38
C SER B 347 -7.85 22.51 11.69
N ARG B 348 -8.03 23.73 12.16
CA ARG B 348 -7.36 24.20 13.41
C ARG B 348 -8.01 23.54 14.62
N GLU B 349 -9.30 23.22 14.58
CA GLU B 349 -9.95 22.54 15.71
C GLU B 349 -9.34 21.13 15.84
N VAL B 350 -9.14 20.43 14.72
CA VAL B 350 -8.48 19.08 14.76
C VAL B 350 -7.06 19.24 15.28
N LEU B 351 -6.29 20.22 14.77
CA LEU B 351 -4.92 20.43 15.28
C LEU B 351 -4.99 20.65 16.80
N SER B 352 -5.86 21.52 17.27
CA SER B 352 -6.01 21.82 18.71
C SER B 352 -6.31 20.57 19.54
N GLU B 353 -7.29 19.79 19.12
CA GLU B 353 -7.88 18.72 19.98
C GLU B 353 -7.17 17.38 19.76
N TYR B 354 -6.33 17.21 18.71
CA TYR B 354 -5.78 15.86 18.39
C TYR B 354 -4.33 15.93 17.93
N GLY B 355 -3.84 17.11 17.58
CA GLY B 355 -2.52 17.22 16.93
C GLY B 355 -2.60 16.69 15.49
N ASN B 356 -1.45 16.39 14.93
CA ASN B 356 -1.25 15.81 13.60
C ASN B 356 -1.32 14.28 13.72
N MET B 357 -2.38 13.68 13.21
CA MET B 357 -2.58 12.20 13.28
C MET B 357 -2.22 11.56 11.94
N SER B 358 -1.29 12.18 11.23
CA SER B 358 -0.83 11.70 9.91
C SER B 358 -2.04 11.43 9.00
N SER B 359 -2.21 10.22 8.43
CA SER B 359 -3.19 9.97 7.35
C SER B 359 -4.63 10.14 7.86
N ALA B 360 -4.91 9.97 9.15
CA ALA B 360 -6.28 10.04 9.72
C ALA B 360 -6.80 11.48 9.76
N SER B 361 -5.93 12.48 9.77
CA SER B 361 -6.31 13.86 10.16
C SER B 361 -7.42 14.40 9.26
N VAL B 362 -7.31 14.25 7.94
CA VAL B 362 -8.27 14.94 7.03
C VAL B 362 -9.67 14.37 7.23
N LEU B 363 -9.81 13.10 7.61
CA LEU B 363 -11.14 12.53 7.86
C LEU B 363 -11.71 13.09 9.16
N PHE B 364 -10.87 13.34 10.18
CA PHE B 364 -11.30 14.09 11.38
C PHE B 364 -11.81 15.48 10.97
N VAL B 365 -11.08 16.18 10.11
CA VAL B 365 -11.50 17.53 9.68
C VAL B 365 -12.85 17.44 8.96
N LEU B 366 -13.04 16.45 8.10
CA LEU B 366 -14.32 16.29 7.36
C LEU B 366 -15.45 16.11 8.37
N ASP B 367 -15.21 15.31 9.40
CA ASP B 367 -16.24 15.01 10.42
C ASP B 367 -16.56 16.30 11.21
N VAL B 368 -15.54 17.05 11.64
CA VAL B 368 -15.71 18.31 12.41
C VAL B 368 -16.49 19.32 11.55
N MET B 369 -16.17 19.38 10.26
CA MET B 369 -16.77 20.33 9.29
C MET B 369 -18.29 20.07 9.21
N ARG B 370 -18.73 18.83 9.00
CA ARG B 370 -20.19 18.54 8.89
C ARG B 370 -20.90 18.72 10.23
N LYS B 371 -20.27 18.34 11.35
CA LYS B 371 -20.88 18.43 12.70
C LYS B 371 -21.06 19.91 13.06
N SER B 372 -20.04 20.74 12.85
CA SER B 372 -20.09 22.16 13.26
C SER B 372 -21.00 22.92 12.27
N SER B 373 -21.07 22.49 11.01
CA SER B 373 -22.02 23.04 10.02
C SER B 373 -23.47 22.83 10.50
N ALA B 374 -23.82 21.63 10.97
CA ALA B 374 -25.17 21.29 11.45
C ALA B 374 -25.45 22.08 12.74
N LYS B 375 -24.49 22.11 13.68
CA LYS B 375 -24.63 22.83 14.97
C LYS B 375 -24.91 24.33 14.75
N ASP B 376 -24.29 24.96 13.75
CA ASP B 376 -24.41 26.40 13.45
C ASP B 376 -25.64 26.67 12.56
N GLY B 377 -26.43 25.64 12.25
CA GLY B 377 -27.64 25.72 11.41
C GLY B 377 -27.36 26.10 9.97
N LEU B 378 -26.24 25.70 9.38
CA LEU B 378 -25.90 26.10 7.99
C LEU B 378 -26.59 25.17 7.00
N ALA B 379 -26.71 25.60 5.75
CA ALA B 379 -27.60 24.97 4.75
C ALA B 379 -26.91 23.77 4.06
N THR B 380 -25.61 23.56 4.24
CA THR B 380 -24.90 22.38 3.64
C THR B 380 -23.93 21.76 4.64
N THR B 381 -23.41 20.56 4.35
CA THR B 381 -22.43 19.87 5.20
C THR B 381 -21.09 20.61 5.17
N GLY B 382 -20.89 21.45 4.16
CA GLY B 382 -19.65 22.22 3.95
C GLY B 382 -19.79 23.69 4.30
N GLU B 383 -20.18 23.97 5.53
CA GLU B 383 -20.26 25.36 6.08
C GLU B 383 -21.20 26.19 5.22
N GLY B 384 -22.23 25.58 4.61
CA GLY B 384 -23.18 26.31 3.75
C GLY B 384 -22.65 26.55 2.35
N LYS B 385 -21.42 26.13 2.01
CA LYS B 385 -20.91 26.24 0.63
C LYS B 385 -21.27 24.99 -0.18
N ASP B 386 -21.27 25.11 -1.50
CA ASP B 386 -21.50 23.95 -2.41
C ASP B 386 -20.21 23.15 -2.63
N TRP B 387 -19.11 23.81 -2.91
CA TRP B 387 -17.84 23.17 -3.34
C TRP B 387 -16.82 23.29 -2.21
N GLY B 388 -15.95 22.30 -2.14
CA GLY B 388 -14.86 22.30 -1.17
C GLY B 388 -13.61 21.66 -1.74
N VAL B 389 -12.53 21.86 -1.03
CA VAL B 389 -11.23 21.31 -1.41
C VAL B 389 -10.70 20.54 -0.18
N LEU B 390 -10.07 19.41 -0.43
CA LEU B 390 -9.36 18.60 0.60
C LEU B 390 -7.93 18.47 0.12
N PHE B 391 -7.00 18.83 0.98
CA PHE B 391 -5.56 18.74 0.69
C PHE B 391 -4.91 17.78 1.68
N GLY B 392 -4.15 16.81 1.17
CA GLY B 392 -3.13 16.09 1.94
C GLY B 392 -1.77 16.48 1.45
N PHE B 393 -0.80 16.44 2.33
CA PHE B 393 0.60 16.88 2.11
C PHE B 393 1.44 15.75 2.70
N GLY B 394 2.55 15.43 2.10
CA GLY B 394 3.45 14.43 2.69
C GLY B 394 4.72 14.31 1.88
N PRO B 395 5.48 13.23 2.15
CA PRO B 395 6.78 12.98 1.53
C PRO B 395 6.68 13.08 0.00
N GLY B 396 7.72 13.69 -0.61
CA GLY B 396 7.78 13.91 -2.05
C GLY B 396 8.56 15.16 -2.43
N LEU B 397 8.10 16.35 -2.04
CA LEU B 397 6.90 16.62 -1.28
C LEU B 397 5.67 16.43 -2.18
N THR B 398 4.67 15.69 -1.68
CA THR B 398 3.47 15.36 -2.45
C THR B 398 2.33 16.21 -1.93
N VAL B 399 1.52 16.78 -2.84
CA VAL B 399 0.23 17.39 -2.46
C VAL B 399 -0.85 16.63 -3.19
N GLU B 400 -1.85 16.18 -2.42
CA GLU B 400 -3.05 15.52 -2.98
C GLU B 400 -4.17 16.52 -2.88
N THR B 401 -4.91 16.75 -3.96
CA THR B 401 -6.02 17.71 -4.02
C THR B 401 -7.29 16.99 -4.44
N LEU B 402 -8.30 17.00 -3.57
CA LEU B 402 -9.63 16.50 -3.93
C LEU B 402 -10.60 17.66 -4.01
N VAL B 403 -11.45 17.66 -5.04
CA VAL B 403 -12.64 18.52 -5.09
C VAL B 403 -13.79 17.75 -4.46
N LEU B 404 -14.49 18.40 -3.56
CA LEU B 404 -15.65 17.84 -2.84
C LEU B 404 -16.85 18.68 -3.21
N HIS B 405 -18.03 18.08 -3.07
CA HIS B 405 -19.30 18.81 -3.09
C HIS B 405 -20.03 18.47 -1.80
N SER B 406 -20.62 19.48 -1.16
CA SER B 406 -21.42 19.32 0.05
C SER B 406 -22.77 18.70 -0.33
N VAL B 407 -23.58 18.41 0.67
CA VAL B 407 -25.00 18.01 0.49
C VAL B 407 -25.85 18.93 1.33
N PRO B 408 -27.11 19.20 0.90
CA PRO B 408 -27.99 20.10 1.65
C PRO B 408 -28.31 19.52 3.03
N VAL B 409 -28.41 20.42 4.01
CA VAL B 409 -28.89 20.12 5.38
C VAL B 409 -30.17 20.95 5.60
N PRO B 410 -31.29 20.32 5.99
CA PRO B 410 -32.57 21.02 6.17
C PRO B 410 -32.53 22.49 6.62
C1 NAR C . 6.02 -13.48 0.58
C2 NAR C . 5.10 -13.84 1.57
C3 NAR C . 5.50 -13.98 2.90
C4 NAR C . 6.83 -13.78 3.22
C5 NAR C . 7.78 -13.42 2.23
C6 NAR C . 7.34 -13.29 0.92
C7 NAR C . 9.18 -13.34 2.57
C8 NAR C . 10.11 -13.13 1.38
C9 NAR C . 9.43 -12.32 0.29
O1 NAR C . 8.20 -12.98 -0.11
O2 NAR C . 9.62 -13.55 3.72
C10 NAR C . 10.28 -12.09 -0.93
C11 NAR C . 10.40 -13.03 -1.94
C12 NAR C . 11.17 -12.78 -3.08
C13 NAR C . 11.87 -11.58 -3.17
C14 NAR C . 11.75 -10.64 -2.16
C15 NAR C . 10.96 -10.89 -1.05
O3 NAR C . 12.69 -11.28 -4.21
O4 NAR C . 3.82 -13.99 1.18
O5 NAR C . 7.25 -13.94 4.50
H11 NAR C . 5.73 -13.38 -0.31
H31 NAR C . 4.88 -14.21 3.56
H81 NAR C . 10.38 -13.99 1.02
H82 NAR C . 10.91 -12.67 1.67
H9 NAR C . 9.17 -11.43 0.67
H111 NAR C . 9.93 -13.84 -1.88
H121 NAR C . 11.26 -13.43 -3.75
H141 NAR C . 12.23 -9.83 -2.22
H151 NAR C . 10.90 -10.25 -0.37
HO3 NAR C . 13.06 -10.50 -4.08
H41 NAR C . 3.34 -14.18 1.86
H51 NAR C . 8.09 -13.79 4.52
N1A COA D . 8.26 -26.36 6.64
C2A COA D . 9.21 -27.26 6.93
N3A COA D . 9.68 -28.25 6.19
C4A COA D . 9.05 -28.32 5.00
C5A COA D . 8.04 -27.48 4.56
C6A COA D . 7.64 -26.46 5.44
N6A COA D . 6.70 -25.57 5.14
N7A COA D . 7.64 -27.87 3.27
C8A COA D . 8.41 -28.89 2.97
N9A COA D . 9.28 -29.22 3.99
C1B COA D . 10.32 -30.25 4.04
C2B COA D . 9.85 -31.69 4.23
O2B COA D . 9.56 -31.92 5.60
C3B COA D . 11.06 -32.47 3.67
O3B COA D . 12.09 -32.64 4.67
P3B COA D . 12.83 -34.12 4.80
O7A COA D . 11.71 -35.02 5.34
O8A COA D . 13.99 -34.00 5.77
O9A COA D . 13.33 -34.54 3.40
C4B COA D . 11.53 -31.56 2.52
O4B COA D . 11.01 -30.23 2.81
C5B COA D . 11.06 -31.92 1.13
O5B COA D . 10.86 -33.34 0.98
P1A COA D . 9.53 -33.93 0.28
O1A COA D . 8.33 -33.57 1.11
O2A COA D . 9.77 -35.38 -0.04
O3A COA D . 9.41 -33.09 -1.09
P2A COA D . 8.30 -31.99 -1.51
O4A COA D . 8.01 -32.03 -2.98
O5A COA D . 7.18 -32.00 -0.55
O6A COA D . 9.06 -30.65 -1.05
CBP COA D . 9.26 -28.36 -1.82
CCP COA D . 9.75 -29.79 -1.99
CDP COA D . 9.80 -27.74 -0.52
CEP COA D . 9.78 -27.58 -3.02
CAP COA D . 7.71 -28.40 -1.79
OAP COA D . 7.35 -29.08 -0.57
C9P COA D . 6.91 -27.10 -1.93
O9P COA D . 6.69 -26.66 -3.05
N8P COA D . 6.40 -26.51 -0.86
C7P COA D . 5.15 -25.75 -0.89
C6P COA D . 5.28 -24.48 -1.59
C5P COA D . 5.01 -23.33 -0.64
O5P COA D . 4.74 -23.49 0.55
N4P COA D . 5.04 -22.10 -1.12
C3P COA D . 5.00 -20.98 -0.21
C2P COA D . 5.37 -19.70 -0.86
S1P COA D . 4.57 -18.42 0.12
H2A COA D . 9.63 -27.15 7.81
H61A COA D . 6.29 -25.60 4.34
H62A COA D . 6.48 -24.94 5.75
H8A COA D . 8.35 -29.37 2.12
H1B COA D . 10.95 -30.04 4.77
H2B COA D . 9.05 -31.87 3.68
HO2A COA D . 10.10 -32.48 5.93
H3B COA D . 10.76 -33.35 3.34
H4B COA D . 12.52 -31.53 2.51
H51A COA D . 11.72 -31.61 0.46
H52A COA D . 10.20 -31.45 0.95
H121 COA D . 9.56 -30.09 -2.92
H122 COA D . 10.72 -29.83 -1.84
H131 COA D . 9.06 -27.43 0.04
H132 COA D . 10.39 -26.97 -0.74
H133 COA D . 10.33 -28.42 -0.03
H141 COA D . 9.02 -27.30 -3.60
H142 COA D . 10.39 -28.15 -3.54
H143 COA D . 10.26 -26.78 -2.71
H10 COA D . 7.44 -28.99 -2.53
HO1 COA D . 6.77 -28.64 -0.16
HN8 COA D . 6.84 -26.57 -0.07
H71 COA D . 4.85 -25.59 0.03
H72 COA D . 4.46 -26.30 -1.35
H61 COA D . 4.64 -24.44 -2.34
H62 COA D . 6.19 -24.38 -1.96
HN4 COA D . 5.09 -21.97 -2.01
H31 COA D . 5.61 -21.14 0.54
H32 COA D . 4.08 -20.91 0.15
H21 COA D . 5.03 -19.68 -1.78
H22 COA D . 6.35 -19.59 -0.85
HS1 COA D . 4.95 -17.53 -0.50
C1 NAR E . 4.42 11.33 8.52
C2 NAR E . 5.34 11.67 7.56
C3 NAR E . 6.71 11.43 7.75
C4 NAR E . 7.13 10.89 8.95
C5 NAR E . 6.21 10.57 9.97
C6 NAR E . 4.85 10.79 9.71
C7 NAR E . 6.65 10.05 11.25
C8 NAR E . 5.57 9.94 12.29
C9 NAR E . 4.29 9.49 11.63
O1 NAR E . 3.90 10.48 10.65
O2 NAR E . 7.84 9.80 11.49
C10 NAR E . 3.14 9.27 12.56
C11 NAR E . 2.88 8.00 13.04
C12 NAR E . 1.85 7.79 13.93
C13 NAR E . 1.05 8.86 14.34
C14 NAR E . 1.27 10.14 13.83
C15 NAR E . 2.36 10.34 13.00
O3 NAR E . 0.02 8.60 15.20
O4 NAR E . 4.83 12.20 6.41
O5 NAR E . 8.44 10.64 9.15
H11 NAR E . 3.50 11.49 8.38
H31 NAR E . 7.32 11.64 7.08
H81 NAR E . 5.43 10.79 12.74
H82 NAR E . 5.83 9.28 12.97
H9 NAR E . 4.46 8.64 11.14
H111 NAR E . 3.43 7.29 12.78
H121 NAR E . 1.67 6.92 14.25
H141 NAR E . 0.75 10.87 14.13
H151 NAR E . 2.51 11.21 12.65
HO3 NAR E . -0.43 9.32 15.36
H41 NAR E . 5.47 12.36 5.85
H51 NAR E . 8.54 10.31 9.93
N1A COA F . 13.68 21.65 12.07
C2A COA F . 14.33 22.18 13.13
N3A COA F . 13.94 23.18 13.94
C4A COA F . 12.74 23.66 13.57
C5A COA F . 11.96 23.22 12.51
C6A COA F . 12.48 22.16 11.72
N6A COA F . 11.86 21.68 10.64
N7A COA F . 10.77 23.95 12.44
C8A COA F . 10.84 24.80 13.45
N9A COA F . 12.02 24.67 14.16
C1B COA F . 12.41 25.43 15.35
C2B COA F . 12.68 26.92 15.13
O2B COA F . 13.95 27.17 14.57
C3B COA F . 12.56 27.41 16.57
O3B COA F . 13.68 27.02 17.39
P3B COA F . 14.41 28.26 18.17
O7A COA F . 15.69 27.68 18.75
O8A COA F . 13.43 28.73 19.27
O9A COA F . 14.72 29.35 17.15
C4B COA F . 11.33 26.63 17.04
O4B COA F . 11.34 25.40 16.27
C5B COA F . 10.04 27.35 16.77
O5B COA F . 10.17 28.70 17.21
P1A COA F . 9.35 29.82 16.43
O1A COA F . 9.99 30.06 15.09
O2A COA F . 9.05 30.94 17.37
O3A COA F . 7.95 29.08 16.22
P2A COA F . 7.15 28.72 14.87
O4A COA F . 6.14 29.80 14.61
O5A COA F . 8.17 28.40 13.82
O6A COA F . 6.31 27.44 15.36
CBP COA F . 6.30 25.04 14.90
CCP COA F . 6.99 26.17 15.65
CDP COA F . 7.23 23.81 14.86
CEP COA F . 5.02 24.66 15.65
CAP COA F . 6.00 25.54 13.46
OAP COA F . 7.21 25.99 12.82
C9P COA F . 5.30 24.54 12.54
O9P COA F . 4.09 24.48 12.48
N8P COA F . 6.05 23.76 11.78
C7P COA F . 5.47 22.51 11.31
C6P COA F . 5.12 22.53 9.87
C5P COA F . 5.63 21.18 9.40
O5P COA F . 6.73 21.09 8.86
N4P COA F . 4.91 20.06 9.61
C3P COA F . 5.29 18.80 8.98
C2P COA F . 4.44 17.61 9.36
S1P COA F . 4.21 16.45 7.98
H2A COA F . 15.19 21.79 13.34
H61A COA F . 11.08 22.03 10.38
H62A COA F . 12.25 21.01 10.18
H8A COA F . 10.14 25.44 13.65
H1B COA F . 13.21 25.02 15.75
H2B COA F . 11.97 27.33 14.58
HO2A COA F . 14.54 27.47 15.15
H3B COA F . 12.42 28.38 16.62
H4B COA F . 11.40 26.43 18.00
H51A COA F . 9.30 26.90 17.27
H52A COA F . 9.84 27.32 15.81
H121 COA F . 6.96 25.98 16.62
H122 COA F . 7.94 26.23 15.37
H131 COA F . 7.58 23.67 13.94
H132 COA F . 6.73 23.01 15.14
H133 COA F . 7.99 23.95 15.47
H141 COA F . 4.23 24.78 15.05
H142 COA F . 4.92 25.24 16.45
H143 COA F . 5.06 23.71 15.94
H10 COA F . 5.39 26.32 13.55
HO1 COA F . 7.28 25.62 12.09
HN8 COA F . 6.89 23.99 11.56
H71 COA F . 4.64 22.32 11.82
H72 COA F . 6.11 21.78 11.48
H61 COA F . 5.60 23.26 9.40
H62 COA F . 4.14 22.59 9.74
HN4 COA F . 4.19 20.09 10.15
H31 COA F . 6.23 18.60 9.20
H32 COA F . 5.24 18.92 7.99
H21 COA F . 3.55 17.94 9.65
H22 COA F . 4.87 17.14 10.11
HS1 COA F . 4.23 15.63 8.73
#